data_8EYF
#
_entry.id   8EYF
#
_cell.length_a   75.721
_cell.length_b   109.552
_cell.length_c   118.397
_cell.angle_alpha   90.000
_cell.angle_beta   90.000
_cell.angle_gamma   90.000
#
_symmetry.space_group_name_H-M   'P 21 21 21'
#
loop_
_entity.id
_entity.type
_entity.pdbx_description
1 polymer 'M1 family aminopeptidase'
2 non-polymer GLYCEROL
3 non-polymer N-[(1R)-1-(4-bromophenyl)-2-(hydroxyamino)-2-oxoethyl]-N~2~-phenylglycinamide
4 non-polymer 'DIMETHYL SULFOXIDE'
5 non-polymer 'ZINC ION'
6 water water
#
_entity_poly.entity_id   1
_entity_poly.type   'polypeptide(L)'
_entity_poly.pdbx_seq_one_letter_code
;MEPKIHYRKDYKPSGFIINQVTLNINIHDQETIVRSVLDMDISKHNVGEDLVFDGVGLKINEISINNKKLVEGEEYTYDN
EFLTIFSKFVPKSKFAFSSEVIIHPETNYALTGLYKSKNIIVSQCEATGFRRITFFIDRPDMMAKYDVTVTADKEKYPVL
LSNGDKVNEFEIPGGRHGARFNDPPLKPCYLFAVVAGDLKHLSATYITKYTKKKVELYVFSEEKYVSKLQWALECLKKSM
AFDEDYFGLEYDLSRLNLVAVSDFNVGAMENKGLNIFNANSLLASKKNSIDFSYARILTVVGHEYFHQYTGNRVTLRDWF
QLTLKEGLTVHRENLFSEEMTKTVTTRLSHVDLLRSVQFLEDSSPLSHPIRPESYVSMENFYTTTVYDKGSEVMRMYLTI
LGEEYYKKGFDIYIKKNDGNTATCEDFNYAMEQAYKMKKADNSANLNQYLLWFSQSGTPHVSFKYNYDAEKKQYSIHVNQ
YTKPDENQKEKKPLFIPISVGLINPENGKEMISQTTLELTKESDTFVFNNIAVKPIPSLFRGFSAPVYIEDQLTDEERIL
LLKYDSDAFVRYNSCTNIYMKQILMNYNEFLKAKNEKLESFQLTPVNAQFIDAIKYLLEDPHADAGFKSYIVSLPQDRYI
INFVSNLDTDVLADTKEYIYKQIGDKLNDVYYKMFKSLEAKADDLTYFNDESHVDFDQMNMRTLRNTLLSLLSKAQYPNI
LNEIIEHSKSPYPSNWLTSLSVSAYFDKYFELYDKTYKLSKDDELLLQEWLKTVSRSDRKDIYEILKKLENEVLKDSKNP
NDIRAVYLPFTNNLRRFHDISGKGYKLIAEVITKTDKFNPMVATQLCEPFKLWNKLDTKRQELMLNEMNTMLQEPQISNN
LKEYLLRLTNKLHHHHHH
;
_entity_poly.pdbx_strand_id   A
#
loop_
_chem_comp.id
_chem_comp.type
_chem_comp.name
_chem_comp.formula
DMS non-polymer 'DIMETHYL SULFOXIDE' 'C2 H6 O S'
GOL non-polymer GLYCEROL 'C3 H8 O3'
X4T non-polymer N-[(1R)-1-(4-bromophenyl)-2-(hydroxyamino)-2-oxoethyl]-N~2~-phenylglycinamide 'C16 H16 Br N3 O3'
ZN non-polymer 'ZINC ION' 'Zn 2'
#
# COMPACT_ATOMS: atom_id res chain seq x y z
N LYS A 4 4.30 18.64 -20.19
CA LYS A 4 2.90 18.46 -20.54
C LYS A 4 2.05 17.94 -19.38
N ILE A 5 0.83 18.46 -19.28
CA ILE A 5 -0.18 17.92 -18.39
C ILE A 5 -1.18 17.15 -19.24
N HIS A 6 -1.38 15.87 -18.91
CA HIS A 6 -2.41 15.06 -19.56
C HIS A 6 -3.72 15.18 -18.77
N TYR A 7 -4.82 15.43 -19.48
CA TYR A 7 -6.12 15.60 -18.86
C TYR A 7 -7.02 14.44 -19.25
N ARG A 8 -7.70 13.87 -18.25
CA ARG A 8 -8.55 12.70 -18.47
C ARG A 8 -9.55 12.94 -19.61
N LYS A 9 -10.07 14.16 -19.72
CA LYS A 9 -11.08 14.43 -20.74
C LYS A 9 -10.53 14.35 -22.15
N ASP A 10 -9.20 14.33 -22.32
CA ASP A 10 -8.58 14.42 -23.63
C ASP A 10 -8.18 13.06 -24.19
N TYR A 11 -8.74 11.97 -23.68
CA TYR A 11 -8.36 10.67 -24.19
C TYR A 11 -8.82 10.51 -25.63
N LYS A 12 -7.94 9.96 -26.46
CA LYS A 12 -8.28 9.80 -27.84
C LYS A 12 -7.54 8.56 -28.31
N PRO A 13 -8.22 7.63 -28.97
CA PRO A 13 -7.53 6.48 -29.57
C PRO A 13 -6.36 6.92 -30.46
N SER A 14 -5.33 6.09 -30.49
CA SER A 14 -4.17 6.30 -31.37
C SER A 14 -4.60 6.27 -32.83
N GLY A 15 -3.84 7.01 -33.66
CA GLY A 15 -3.91 6.88 -35.11
C GLY A 15 -3.04 5.79 -35.68
N PHE A 16 -2.42 4.97 -34.84
CA PHE A 16 -1.58 3.85 -35.27
C PHE A 16 -1.99 2.59 -34.51
N ILE A 17 -1.67 1.44 -35.12
CA ILE A 17 -1.88 0.15 -34.46
C ILE A 17 -0.56 -0.61 -34.45
N ILE A 18 -0.25 -1.24 -33.32
CA ILE A 18 0.86 -2.17 -33.22
C ILE A 18 0.27 -3.56 -33.00
N ASN A 19 0.40 -4.43 -34.00
CA ASN A 19 -0.17 -5.78 -33.93
C ASN A 19 0.79 -6.79 -33.33
N GLN A 20 2.09 -6.66 -33.65
CA GLN A 20 3.04 -7.67 -33.22
C GLN A 20 4.36 -7.04 -32.84
N VAL A 21 4.90 -7.49 -31.72
CA VAL A 21 6.23 -7.13 -31.26
C VAL A 21 7.12 -8.36 -31.35
N THR A 22 8.27 -8.23 -32.04
CA THR A 22 9.29 -9.26 -32.08
C THR A 22 10.57 -8.68 -31.49
N LEU A 23 11.01 -9.21 -30.34
CA LEU A 23 12.13 -8.65 -29.60
C LEU A 23 13.31 -9.60 -29.51
N ASN A 24 14.50 -9.05 -29.66
CA ASN A 24 15.77 -9.72 -29.37
C ASN A 24 16.53 -8.84 -28.39
N ILE A 25 16.70 -9.34 -27.16
CA ILE A 25 17.39 -8.63 -26.09
C ILE A 25 18.67 -9.40 -25.78
N ASN A 26 19.82 -8.88 -26.20
CA ASN A 26 21.08 -9.58 -26.06
C ASN A 26 21.89 -8.87 -24.98
N ILE A 27 22.09 -9.56 -23.87
CA ILE A 27 22.71 -9.00 -22.68
C ILE A 27 24.22 -9.26 -22.73
N HIS A 28 25.01 -8.20 -22.62
CA HIS A 28 26.45 -8.31 -22.56
C HIS A 28 26.96 -7.68 -21.26
N ASP A 29 28.27 -7.79 -21.05
CA ASP A 29 28.85 -7.29 -19.81
C ASP A 29 28.72 -5.78 -19.71
N GLN A 30 29.04 -5.05 -20.78
CA GLN A 30 29.09 -3.61 -20.71
C GLN A 30 27.86 -2.93 -21.30
N GLU A 31 26.89 -3.69 -21.81
CA GLU A 31 25.77 -3.10 -22.53
C GLU A 31 24.76 -4.18 -22.87
N THR A 32 23.54 -3.74 -23.19
CA THR A 32 22.48 -4.61 -23.67
C THR A 32 21.93 -4.05 -24.97
N ILE A 33 21.86 -4.91 -26.01
CA ILE A 33 21.37 -4.53 -27.34
C ILE A 33 19.94 -5.04 -27.52
N VAL A 34 19.02 -4.13 -27.85
CA VAL A 34 17.62 -4.47 -28.06
C VAL A 34 17.30 -4.27 -29.53
N ARG A 35 16.99 -5.36 -30.24
CA ARG A 35 16.42 -5.27 -31.58
C ARG A 35 14.93 -5.52 -31.51
N SER A 36 14.15 -4.68 -32.17
CA SER A 36 12.71 -4.76 -32.08
C SER A 36 12.10 -4.54 -33.44
N VAL A 37 11.23 -5.45 -33.86
CA VAL A 37 10.42 -5.28 -35.07
C VAL A 37 8.98 -5.10 -34.65
N LEU A 38 8.36 -4.03 -35.13
CA LEU A 38 6.99 -3.67 -34.77
C LEU A 38 6.12 -3.82 -36.02
N ASP A 39 5.28 -4.85 -36.05
CA ASP A 39 4.31 -5.03 -37.13
C ASP A 39 3.14 -4.08 -36.92
N MET A 40 3.08 -3.02 -37.71
CA MET A 40 2.11 -1.97 -37.41
C MET A 40 1.15 -1.74 -38.56
N ASP A 41 0.24 -0.79 -38.32
CA ASP A 41 -0.84 -0.47 -39.23
C ASP A 41 -1.31 0.94 -38.97
N ILE A 42 -2.12 1.45 -39.88
CA ILE A 42 -2.80 2.72 -39.74
C ILE A 42 -4.18 2.47 -39.15
N SER A 43 -4.56 3.24 -38.12
CA SER A 43 -5.88 3.05 -37.53
C SER A 43 -6.90 4.00 -38.17
N LYS A 44 -8.18 3.71 -37.90
CA LYS A 44 -9.28 4.47 -38.47
C LYS A 44 -9.34 5.90 -37.92
N HIS A 45 -8.55 6.21 -36.91
CA HIS A 45 -8.48 7.56 -36.36
C HIS A 45 -7.30 8.35 -36.88
N ASN A 46 -6.46 7.74 -37.72
CA ASN A 46 -5.32 8.45 -38.29
C ASN A 46 -5.79 9.72 -38.99
N VAL A 47 -4.96 10.77 -38.93
CA VAL A 47 -5.20 12.01 -39.64
C VAL A 47 -3.90 12.48 -40.29
N GLY A 48 -3.06 11.52 -40.66
CA GLY A 48 -1.82 11.83 -41.35
C GLY A 48 -0.73 12.39 -40.47
N GLU A 49 -0.75 12.08 -39.18
CA GLU A 49 0.22 12.65 -38.27
C GLU A 49 1.59 11.97 -38.42
N ASP A 50 2.61 12.62 -37.85
CA ASP A 50 3.91 11.99 -37.69
C ASP A 50 3.75 10.71 -36.87
N LEU A 51 4.61 9.73 -37.14
CA LEU A 51 4.72 8.56 -36.28
C LEU A 51 5.69 8.88 -35.15
N VAL A 52 5.14 9.03 -33.94
CA VAL A 52 5.88 9.41 -32.75
C VAL A 52 5.89 8.21 -31.78
N PHE A 53 7.07 7.65 -31.57
CA PHE A 53 7.26 6.64 -30.54
C PHE A 53 7.78 7.29 -29.24
N ASP A 54 7.33 6.76 -28.11
CA ASP A 54 8.04 6.98 -26.86
C ASP A 54 9.35 6.22 -26.87
N GLY A 55 10.38 6.84 -26.29
CA GLY A 55 11.70 6.26 -26.26
C GLY A 55 12.65 7.10 -25.43
N VAL A 56 12.93 6.68 -24.21
CA VAL A 56 13.67 7.49 -23.25
C VAL A 56 15.06 6.87 -23.04
N GLY A 57 16.09 7.66 -23.34
CA GLY A 57 17.44 7.26 -23.00
C GLY A 57 18.03 6.20 -23.89
N LEU A 58 17.47 6.00 -25.07
CA LEU A 58 17.93 4.94 -25.95
C LEU A 58 19.05 5.48 -26.84
N LYS A 59 20.07 4.66 -27.05
CA LYS A 59 21.14 4.98 -27.98
C LYS A 59 20.84 4.24 -29.27
N ILE A 60 20.60 5.00 -30.34
CA ILE A 60 20.13 4.42 -31.59
C ILE A 60 21.31 3.91 -32.41
N ASN A 61 21.24 2.64 -32.80
CA ASN A 61 22.15 2.12 -33.81
C ASN A 61 21.58 2.30 -35.20
N GLU A 62 20.26 2.14 -35.35
CA GLU A 62 19.59 2.22 -36.64
C GLU A 62 18.08 2.08 -36.46
N ILE A 63 17.29 2.78 -37.27
CA ILE A 63 15.89 2.43 -37.42
C ILE A 63 15.57 2.23 -38.91
N SER A 64 14.46 1.54 -39.15
CA SER A 64 14.03 1.20 -40.49
C SER A 64 12.51 1.21 -40.56
N ILE A 65 12.00 1.41 -41.78
CA ILE A 65 10.63 1.13 -42.13
C ILE A 65 10.67 0.25 -43.37
N ASN A 66 10.25 -1.02 -43.22
CA ASN A 66 10.27 -2.01 -44.28
C ASN A 66 11.70 -2.27 -44.77
N ASN A 67 12.61 -2.52 -43.82
CA ASN A 67 14.01 -2.84 -44.10
C ASN A 67 14.67 -1.75 -44.96
N LYS A 68 14.30 -0.50 -44.72
CA LYS A 68 14.93 0.66 -45.34
C LYS A 68 15.41 1.58 -44.22
N LYS A 69 16.72 1.63 -44.01
CA LYS A 69 17.28 2.41 -42.90
C LYS A 69 16.93 3.88 -43.04
N LEU A 70 16.46 4.46 -41.95
CA LEU A 70 15.99 5.82 -41.99
C LEU A 70 17.15 6.75 -41.66
N VAL A 71 17.12 7.95 -42.21
CA VAL A 71 18.22 8.90 -42.05
C VAL A 71 17.83 9.91 -40.99
N GLU A 72 18.72 10.10 -40.00
CA GLU A 72 18.47 11.09 -38.95
C GLU A 72 18.47 12.49 -39.55
N GLY A 73 17.51 13.31 -39.13
CA GLY A 73 17.45 14.69 -39.58
C GLY A 73 16.45 14.96 -40.68
N GLU A 74 16.60 14.27 -41.82
CA GLU A 74 15.69 14.48 -42.93
C GLU A 74 14.40 13.67 -42.77
N GLU A 75 14.47 12.57 -42.03
CA GLU A 75 13.39 11.61 -41.92
C GLU A 75 12.95 11.34 -40.49
N TYR A 76 13.79 11.63 -39.51
CA TYR A 76 13.39 11.41 -38.13
C TYR A 76 14.24 12.26 -37.19
N THR A 77 13.60 12.75 -36.12
CA THR A 77 14.26 13.44 -35.02
C THR A 77 14.07 12.62 -33.76
N TYR A 78 15.13 12.54 -32.94
CA TYR A 78 15.09 11.87 -31.64
C TYR A 78 15.77 12.77 -30.62
N ASP A 79 15.03 13.14 -29.57
CA ASP A 79 15.49 14.08 -28.55
C ASP A 79 15.73 13.41 -27.21
N ASN A 80 15.98 12.09 -27.20
CA ASN A 80 16.10 11.25 -26.02
C ASN A 80 14.79 11.05 -25.27
N GLU A 81 13.66 11.47 -25.85
CA GLU A 81 12.36 11.24 -25.21
C GLU A 81 11.28 10.82 -26.19
N PHE A 82 11.28 11.41 -27.40
CA PHE A 82 10.28 11.11 -28.41
C PHE A 82 10.97 10.92 -29.75
N LEU A 83 10.70 9.81 -30.42
CA LEU A 83 11.20 9.58 -31.77
C LEU A 83 10.12 9.96 -32.79
N THR A 84 10.44 10.95 -33.63
CA THR A 84 9.48 11.52 -34.58
C THR A 84 9.87 11.17 -35.99
N ILE A 85 9.08 10.30 -36.61
CA ILE A 85 9.22 9.97 -38.03
C ILE A 85 8.13 10.74 -38.78
N PHE A 86 8.54 11.65 -39.67
CA PHE A 86 7.58 12.55 -40.27
C PHE A 86 6.68 11.78 -41.22
N SER A 87 5.42 12.23 -41.29
CA SER A 87 4.37 11.50 -41.98
C SER A 87 4.77 11.12 -43.41
N LYS A 88 5.56 11.96 -44.08
CA LYS A 88 5.88 11.74 -45.49
C LYS A 88 6.58 10.41 -45.72
N PHE A 89 7.25 9.87 -44.70
CA PHE A 89 7.94 8.60 -44.82
C PHE A 89 7.21 7.49 -44.09
N VAL A 90 5.98 7.72 -43.68
CA VAL A 90 5.19 6.74 -42.93
C VAL A 90 4.25 6.05 -43.91
N PRO A 91 4.33 4.72 -44.07
CA PRO A 91 3.46 4.05 -45.04
C PRO A 91 2.00 4.22 -44.69
N LYS A 92 1.14 4.01 -45.69
CA LYS A 92 -0.31 4.12 -45.58
C LYS A 92 -1.00 2.80 -45.28
N SER A 93 -0.26 1.70 -45.15
CA SER A 93 -0.84 0.39 -44.89
C SER A 93 0.09 -0.37 -43.95
N LYS A 94 -0.17 -1.68 -43.81
CA LYS A 94 0.62 -2.52 -42.90
C LYS A 94 2.10 -2.41 -43.23
N PHE A 95 2.88 -1.96 -42.26
CA PHE A 95 4.31 -1.75 -42.44
C PHE A 95 5.06 -2.29 -41.24
N ALA A 96 6.37 -2.46 -41.40
CA ALA A 96 7.25 -2.88 -40.32
C ALA A 96 8.14 -1.71 -39.92
N PHE A 97 8.13 -1.38 -38.63
CA PHE A 97 9.12 -0.50 -38.06
C PHE A 97 10.10 -1.33 -37.25
N SER A 98 11.39 -1.13 -37.48
CA SER A 98 12.42 -1.87 -36.73
C SER A 98 13.46 -0.90 -36.18
N SER A 99 14.10 -1.30 -35.08
CA SER A 99 15.13 -0.50 -34.46
C SER A 99 16.13 -1.40 -33.75
N GLU A 100 17.33 -0.87 -33.56
CA GLU A 100 18.35 -1.48 -32.71
C GLU A 100 18.90 -0.40 -31.79
N VAL A 101 18.76 -0.59 -30.49
CA VAL A 101 19.18 0.42 -29.53
C VAL A 101 20.09 -0.22 -28.50
N ILE A 102 20.85 0.62 -27.80
CA ILE A 102 21.73 0.18 -26.74
C ILE A 102 21.25 0.79 -25.44
N ILE A 103 21.09 -0.05 -24.43
CA ILE A 103 20.74 0.39 -23.09
C ILE A 103 21.75 -0.26 -22.13
N HIS A 104 21.70 0.15 -20.87
CA HIS A 104 22.76 -0.16 -19.92
C HIS A 104 22.16 -0.53 -18.57
N PRO A 105 21.65 -1.75 -18.42
CA PRO A 105 21.01 -2.12 -17.15
C PRO A 105 21.95 -2.00 -15.96
N GLU A 106 23.26 -2.20 -16.17
CA GLU A 106 24.22 -2.20 -15.07
C GLU A 106 24.26 -0.86 -14.35
N THR A 107 24.02 0.24 -15.06
CA THR A 107 24.08 1.57 -14.46
C THR A 107 22.70 2.20 -14.29
N ASN A 108 21.63 1.42 -14.50
CA ASN A 108 20.26 1.92 -14.38
C ASN A 108 19.87 1.78 -12.91
N TYR A 109 20.11 2.86 -12.15
CA TYR A 109 19.84 2.88 -10.72
C TYR A 109 18.46 3.42 -10.38
N ALA A 110 17.69 3.89 -11.37
CA ALA A 110 16.30 4.27 -11.14
C ALA A 110 15.37 3.07 -11.05
N LEU A 111 15.85 1.88 -11.41
CA LEU A 111 15.09 0.65 -11.29
C LEU A 111 13.77 0.68 -12.08
N THR A 112 13.78 1.40 -13.20
CA THR A 112 12.66 1.41 -14.12
C THR A 112 13.21 1.12 -15.52
N GLY A 113 12.45 0.34 -16.30
CA GLY A 113 13.02 -0.15 -17.54
C GLY A 113 13.80 -1.43 -17.32
N LEU A 114 14.92 -1.62 -18.00
CA LEU A 114 15.73 -2.81 -17.80
C LEU A 114 16.88 -2.46 -16.87
N TYR A 115 17.03 -3.23 -15.79
CA TYR A 115 18.04 -2.86 -14.82
C TYR A 115 18.59 -4.10 -14.14
N LYS A 116 19.73 -3.91 -13.49
CA LYS A 116 20.46 -5.00 -12.86
C LYS A 116 20.28 -4.88 -11.35
N SER A 117 19.78 -5.94 -10.72
CA SER A 117 19.64 -6.00 -9.28
C SER A 117 20.61 -7.06 -8.78
N LYS A 118 21.75 -6.61 -8.25
CA LYS A 118 22.80 -7.49 -7.78
C LYS A 118 23.33 -8.30 -8.96
N ASN A 119 22.91 -9.57 -9.13
CA ASN A 119 23.36 -10.37 -10.28
C ASN A 119 22.19 -10.83 -11.15
N ILE A 120 21.06 -10.15 -11.08
CA ILE A 120 19.87 -10.50 -11.84
C ILE A 120 19.50 -9.31 -12.71
N ILE A 121 19.31 -9.55 -14.01
CA ILE A 121 18.74 -8.53 -14.87
C ILE A 121 17.22 -8.69 -14.83
N VAL A 122 16.53 -7.59 -14.59
CA VAL A 122 15.09 -7.62 -14.40
C VAL A 122 14.52 -6.33 -14.97
N SER A 123 13.27 -6.39 -15.43
CA SER A 123 12.59 -5.23 -15.99
C SER A 123 11.50 -4.75 -15.03
N GLN A 124 11.14 -3.48 -15.16
CA GLN A 124 9.96 -2.91 -14.50
C GLN A 124 9.35 -1.95 -15.52
N CYS A 125 8.19 -2.29 -16.08
CA CYS A 125 7.66 -1.46 -17.15
C CYS A 125 6.48 -0.58 -16.76
N GLU A 126 5.62 -0.99 -15.84
CA GLU A 126 4.59 -0.07 -15.38
C GLU A 126 5.22 1.09 -14.60
N ALA A 127 4.81 2.32 -14.90
CA ALA A 127 3.78 2.71 -15.86
C ALA A 127 4.39 2.99 -17.23
N THR A 128 5.57 3.60 -17.25
CA THR A 128 6.19 4.11 -18.46
C THR A 128 7.62 3.60 -18.59
N GLY A 129 7.86 2.36 -18.15
CA GLY A 129 9.19 1.80 -18.25
C GLY A 129 9.52 1.10 -19.55
N PHE A 130 8.52 0.66 -20.34
CA PHE A 130 8.86 -0.06 -21.57
C PHE A 130 9.58 0.85 -22.57
N ARG A 131 9.25 2.14 -22.59
CA ARG A 131 9.93 3.06 -23.49
C ARG A 131 11.41 3.27 -23.14
N ARG A 132 11.84 2.85 -21.95
CA ARG A 132 13.25 2.84 -21.59
C ARG A 132 13.96 1.59 -22.07
N ILE A 133 13.26 0.68 -22.74
CA ILE A 133 13.84 -0.53 -23.29
C ILE A 133 13.89 -0.47 -24.81
N THR A 134 12.81 -0.03 -25.45
CA THR A 134 12.78 0.13 -26.89
C THR A 134 11.68 1.14 -27.21
N PHE A 135 11.61 1.53 -28.48
CA PHE A 135 10.58 2.48 -28.91
C PHE A 135 9.21 1.83 -28.96
N PHE A 136 8.20 2.57 -28.53
CA PHE A 136 6.84 2.05 -28.51
C PHE A 136 5.89 3.22 -28.38
N ILE A 137 4.62 2.98 -28.71
CA ILE A 137 3.55 3.89 -28.31
C ILE A 137 3.14 3.44 -26.91
N ASP A 138 3.87 3.96 -25.92
CA ASP A 138 3.92 3.38 -24.57
C ASP A 138 2.72 3.87 -23.76
N ARG A 139 1.59 3.22 -24.01
CA ARG A 139 0.31 3.52 -23.34
C ARG A 139 -0.55 2.26 -23.31
N PRO A 140 -1.32 2.05 -22.25
CA PRO A 140 -1.92 0.72 -22.01
C PRO A 140 -3.01 0.31 -22.98
N ASP A 141 -3.57 1.20 -23.80
CA ASP A 141 -4.54 0.73 -24.80
C ASP A 141 -3.90 0.21 -26.08
N MET A 142 -2.57 0.20 -26.17
CA MET A 142 -1.86 -0.23 -27.38
C MET A 142 -1.56 -1.73 -27.23
N MET A 143 -2.52 -2.59 -27.57
CA MET A 143 -2.42 -4.03 -27.32
C MET A 143 -1.74 -4.76 -28.49
N ALA A 144 -0.80 -5.65 -28.19
CA ALA A 144 0.00 -6.33 -29.21
C ALA A 144 0.37 -7.75 -28.78
N LYS A 145 0.77 -8.56 -29.75
CA LYS A 145 1.32 -9.89 -29.49
C LYS A 145 2.83 -9.77 -29.34
N TYR A 146 3.42 -10.62 -28.50
CA TYR A 146 4.84 -10.54 -28.16
C TYR A 146 5.56 -11.84 -28.45
N ASP A 147 6.68 -11.74 -29.17
CA ASP A 147 7.61 -12.82 -29.49
C ASP A 147 8.99 -12.31 -29.09
N VAL A 148 9.58 -12.89 -28.06
CA VAL A 148 10.74 -12.29 -27.38
C VAL A 148 11.85 -13.33 -27.22
N THR A 149 13.03 -13.01 -27.74
CA THR A 149 14.21 -13.85 -27.57
C THR A 149 15.21 -13.11 -26.66
N VAL A 150 15.77 -13.81 -25.69
CA VAL A 150 16.76 -13.23 -24.79
C VAL A 150 18.02 -14.08 -24.87
N THR A 151 19.17 -13.41 -25.02
CA THR A 151 20.45 -14.10 -24.99
C THR A 151 21.36 -13.45 -23.94
N ALA A 152 22.29 -14.25 -23.40
CA ALA A 152 23.18 -13.79 -22.34
C ALA A 152 24.26 -14.84 -22.11
N ASP A 153 25.33 -14.43 -21.44
CA ASP A 153 26.32 -15.39 -20.98
C ASP A 153 25.65 -16.44 -20.11
N LYS A 154 25.89 -17.71 -20.45
CA LYS A 154 25.16 -18.81 -19.81
C LYS A 154 25.63 -19.04 -18.38
N GLU A 155 26.92 -18.85 -18.11
CA GLU A 155 27.42 -19.05 -16.75
C GLU A 155 26.82 -18.03 -15.78
N LYS A 156 26.75 -16.75 -16.19
CA LYS A 156 26.21 -15.69 -15.33
C LYS A 156 24.68 -15.69 -15.31
N TYR A 157 24.05 -15.99 -16.44
CA TYR A 157 22.58 -15.92 -16.59
C TYR A 157 21.99 -17.21 -17.13
N PRO A 158 22.04 -18.30 -16.34
CA PRO A 158 21.54 -19.58 -16.83
C PRO A 158 20.03 -19.66 -16.90
N VAL A 159 19.31 -18.82 -16.16
CA VAL A 159 17.86 -18.81 -16.16
C VAL A 159 17.37 -17.57 -16.88
N LEU A 160 16.51 -17.79 -17.87
CA LEU A 160 16.01 -16.77 -18.79
C LEU A 160 14.50 -16.89 -18.79
N LEU A 161 13.81 -15.81 -18.44
CA LEU A 161 12.35 -15.81 -18.36
C LEU A 161 11.76 -14.60 -19.09
N SER A 162 10.68 -14.83 -19.83
CA SER A 162 9.83 -13.74 -20.28
C SER A 162 8.40 -14.26 -20.31
N ASN A 163 7.49 -13.41 -20.75
CA ASN A 163 6.07 -13.74 -20.78
C ASN A 163 5.85 -14.90 -21.75
N GLY A 164 4.80 -15.67 -21.53
CA GLY A 164 4.34 -16.61 -22.54
C GLY A 164 5.03 -17.97 -22.44
N ASP A 165 4.98 -18.71 -23.55
CA ASP A 165 5.60 -20.02 -23.60
C ASP A 165 7.03 -19.93 -24.10
N LYS A 166 7.92 -20.64 -23.42
CA LYS A 166 9.27 -20.86 -23.94
C LYS A 166 9.16 -21.83 -25.11
N VAL A 167 9.46 -21.38 -26.32
CA VAL A 167 9.34 -22.23 -27.51
C VAL A 167 10.68 -22.64 -28.09
N ASN A 168 11.80 -22.10 -27.59
CA ASN A 168 13.11 -22.48 -28.11
C ASN A 168 14.20 -22.10 -27.12
N GLU A 169 15.24 -22.92 -27.11
CA GLU A 169 16.41 -22.74 -26.25
C GLU A 169 17.60 -23.20 -27.08
N PHE A 170 18.60 -22.33 -27.22
CA PHE A 170 19.69 -22.64 -28.13
C PHE A 170 21.00 -22.12 -27.55
N GLU A 171 22.07 -22.87 -27.81
CA GLU A 171 23.42 -22.48 -27.45
C GLU A 171 23.96 -21.49 -28.48
N ILE A 172 24.91 -20.68 -28.05
CA ILE A 172 25.49 -19.61 -28.86
C ILE A 172 27.00 -19.60 -28.65
N PRO A 173 27.80 -19.42 -29.71
CA PRO A 173 29.26 -19.44 -29.53
C PRO A 173 29.72 -18.32 -28.61
N GLY A 174 30.80 -18.60 -27.87
CA GLY A 174 31.26 -17.70 -26.85
C GLY A 174 30.66 -17.96 -25.48
N GLY A 175 30.11 -19.15 -25.26
CA GLY A 175 29.50 -19.46 -23.98
C GLY A 175 28.21 -18.74 -23.72
N ARG A 176 27.55 -18.24 -24.76
CA ARG A 176 26.25 -17.59 -24.63
C ARG A 176 25.14 -18.60 -24.89
N HIS A 177 23.93 -18.23 -24.50
CA HIS A 177 22.77 -19.07 -24.78
C HIS A 177 21.56 -18.19 -24.94
N GLY A 178 20.49 -18.77 -25.47
CA GLY A 178 19.30 -18.00 -25.79
C GLY A 178 18.05 -18.78 -25.47
N ALA A 179 16.96 -18.02 -25.28
CA ALA A 179 15.63 -18.59 -25.17
C ALA A 179 14.61 -17.67 -25.84
N ARG A 180 13.64 -18.29 -26.50
CA ARG A 180 12.57 -17.58 -27.20
C ARG A 180 11.25 -17.87 -26.52
N PHE A 181 10.46 -16.82 -26.32
CA PHE A 181 9.19 -16.85 -25.60
C PHE A 181 8.12 -16.28 -26.53
N ASN A 182 7.10 -17.08 -26.84
CA ASN A 182 5.98 -16.59 -27.63
C ASN A 182 4.77 -16.47 -26.74
N ASP A 183 4.17 -15.28 -26.73
CA ASP A 183 3.01 -14.97 -25.90
C ASP A 183 1.93 -14.43 -26.82
N PRO A 184 1.18 -15.31 -27.48
CA PRO A 184 0.22 -14.88 -28.50
C PRO A 184 -0.86 -13.93 -27.99
N PRO A 185 -1.46 -14.13 -26.81
CA PRO A 185 -2.57 -13.25 -26.44
C PRO A 185 -2.13 -11.78 -26.34
N LEU A 186 -3.04 -10.89 -26.74
CA LEU A 186 -2.74 -9.46 -26.68
C LEU A 186 -2.48 -9.03 -25.25
N LYS A 187 -1.58 -8.08 -25.10
CA LYS A 187 -1.35 -7.44 -23.80
C LYS A 187 -0.82 -6.04 -24.02
N PRO A 188 -1.01 -5.15 -23.04
CA PRO A 188 -0.32 -3.86 -23.06
C PRO A 188 1.13 -4.03 -22.66
N CYS A 189 1.95 -3.06 -23.06
CA CYS A 189 3.39 -3.23 -22.91
C CYS A 189 3.88 -3.07 -21.46
N TYR A 190 3.10 -2.43 -20.57
CA TYR A 190 3.52 -2.36 -19.18
C TYR A 190 3.52 -3.72 -18.49
N LEU A 191 2.91 -4.74 -19.10
CA LEU A 191 2.91 -6.09 -18.56
C LEU A 191 3.99 -6.99 -19.16
N PHE A 192 4.78 -6.50 -20.10
CA PHE A 192 5.97 -7.21 -20.55
C PHE A 192 7.00 -7.28 -19.43
N ALA A 193 7.68 -8.42 -19.35
CA ALA A 193 8.80 -8.56 -18.42
C ALA A 193 9.84 -9.53 -18.96
N VAL A 194 11.07 -9.34 -18.49
CA VAL A 194 12.18 -10.23 -18.78
C VAL A 194 13.03 -10.35 -17.52
N VAL A 195 13.51 -11.55 -17.24
CA VAL A 195 14.37 -11.81 -16.09
C VAL A 195 15.52 -12.71 -16.54
N ALA A 196 16.75 -12.38 -16.12
CA ALA A 196 17.91 -13.23 -16.41
C ALA A 196 18.78 -13.28 -15.17
N GLY A 197 19.24 -14.46 -14.81
CA GLY A 197 20.03 -14.60 -13.61
C GLY A 197 20.27 -16.05 -13.28
N ASP A 198 21.17 -16.25 -12.31
CA ASP A 198 21.47 -17.57 -11.76
C ASP A 198 20.44 -17.87 -10.67
N LEU A 199 19.23 -18.22 -11.12
CA LEU A 199 18.07 -18.31 -10.25
C LEU A 199 17.84 -19.74 -9.79
N LYS A 200 17.43 -19.91 -8.54
CA LYS A 200 16.99 -21.17 -8.00
C LYS A 200 15.51 -21.08 -7.64
N HIS A 201 14.86 -22.24 -7.54
CA HIS A 201 13.41 -22.25 -7.49
C HIS A 201 12.87 -23.37 -6.62
N LEU A 202 11.67 -23.15 -6.11
CA LEU A 202 10.74 -24.19 -5.69
C LEU A 202 9.59 -24.21 -6.69
N SER A 203 8.96 -25.37 -6.85
CA SER A 203 7.86 -25.48 -7.80
C SER A 203 6.77 -26.40 -7.27
N ALA A 204 5.60 -26.28 -7.87
CA ALA A 204 4.45 -27.12 -7.56
C ALA A 204 3.56 -27.16 -8.78
N THR A 205 2.66 -28.14 -8.81
CA THR A 205 1.61 -28.21 -9.81
C THR A 205 0.28 -27.97 -9.12
N TYR A 206 -0.48 -27.00 -9.63
CA TYR A 206 -1.83 -26.71 -9.17
C TYR A 206 -2.81 -27.19 -10.25
N ILE A 207 -3.88 -27.88 -9.83
CA ILE A 207 -4.93 -28.30 -10.76
C ILE A 207 -6.16 -27.46 -10.48
N THR A 208 -6.65 -26.78 -11.52
CA THR A 208 -7.72 -25.82 -11.31
C THR A 208 -9.04 -26.52 -10.99
N LYS A 209 -9.93 -25.77 -10.34
CA LYS A 209 -11.11 -26.36 -9.71
C LYS A 209 -12.09 -26.92 -10.72
N TYR A 210 -12.21 -26.30 -11.90
CA TYR A 210 -13.27 -26.63 -12.85
C TYR A 210 -12.74 -27.23 -14.14
N THR A 211 -11.85 -26.52 -14.84
CA THR A 211 -11.25 -27.06 -16.06
C THR A 211 -10.30 -28.22 -15.76
N LYS A 212 -9.89 -28.38 -14.50
CA LYS A 212 -8.89 -29.37 -14.11
C LYS A 212 -7.60 -29.19 -14.91
N LYS A 213 -7.30 -27.96 -15.32
CA LYS A 213 -6.04 -27.66 -15.97
C LYS A 213 -4.88 -27.81 -14.98
N LYS A 214 -3.77 -28.37 -15.46
CA LYS A 214 -2.54 -28.40 -14.68
C LYS A 214 -1.76 -27.12 -14.92
N VAL A 215 -1.54 -26.35 -13.85
CA VAL A 215 -0.75 -25.12 -13.92
C VAL A 215 0.54 -25.37 -13.15
N GLU A 216 1.68 -25.03 -13.76
CA GLU A 216 2.96 -25.10 -13.09
C GLU A 216 3.25 -23.80 -12.36
N LEU A 217 3.65 -23.90 -11.10
CA LEU A 217 3.95 -22.73 -10.28
C LEU A 217 5.44 -22.76 -9.92
N TYR A 218 6.16 -21.71 -10.28
CA TYR A 218 7.57 -21.58 -9.93
C TYR A 218 7.79 -20.30 -9.13
N VAL A 219 8.58 -20.40 -8.07
CA VAL A 219 9.02 -19.24 -7.31
C VAL A 219 10.54 -19.23 -7.31
N PHE A 220 11.13 -18.08 -7.65
CA PHE A 220 12.57 -17.96 -7.88
C PHE A 220 13.21 -16.98 -6.90
N SER A 221 14.46 -17.26 -6.54
CA SER A 221 15.30 -16.31 -5.83
C SER A 221 16.74 -16.55 -6.24
N GLU A 222 17.63 -15.70 -5.73
CA GLU A 222 19.04 -16.01 -5.83
C GLU A 222 19.35 -17.22 -4.96
N GLU A 223 20.42 -17.94 -5.32
CA GLU A 223 20.76 -19.19 -4.64
C GLU A 223 20.82 -19.04 -3.14
N LYS A 224 21.40 -17.94 -2.64
CA LYS A 224 21.59 -17.76 -1.20
C LYS A 224 20.28 -17.87 -0.42
N TYR A 225 19.17 -17.43 -1.00
CA TYR A 225 17.94 -17.28 -0.24
C TYR A 225 16.83 -18.23 -0.68
N VAL A 226 17.18 -19.30 -1.41
CA VAL A 226 16.13 -20.17 -1.95
C VAL A 226 15.36 -20.89 -0.84
N SER A 227 15.97 -21.04 0.34
CA SER A 227 15.30 -21.60 1.52
C SER A 227 14.24 -20.67 2.10
N LYS A 228 14.02 -19.49 1.52
CA LYS A 228 13.01 -18.55 2.02
C LYS A 228 11.81 -18.45 1.09
N LEU A 229 11.64 -19.40 0.15
CA LEU A 229 10.60 -19.31 -0.86
C LEU A 229 9.33 -20.10 -0.51
N GLN A 230 9.33 -20.90 0.57
CA GLN A 230 8.24 -21.86 0.74
C GLN A 230 6.91 -21.18 1.05
N TRP A 231 6.91 -20.12 1.88
CA TRP A 231 5.63 -19.51 2.25
C TRP A 231 4.98 -18.88 1.03
N ALA A 232 5.79 -18.20 0.20
CA ALA A 232 5.27 -17.57 -1.00
C ALA A 232 4.54 -18.58 -1.87
N LEU A 233 5.17 -19.74 -2.12
CA LEU A 233 4.54 -20.80 -2.91
C LEU A 233 3.21 -21.21 -2.29
N GLU A 234 3.21 -21.46 -0.97
CA GLU A 234 1.98 -21.74 -0.26
C GLU A 234 0.96 -20.62 -0.44
N CYS A 235 1.40 -19.35 -0.35
CA CYS A 235 0.45 -18.24 -0.51
C CYS A 235 -0.12 -18.22 -1.92
N LEU A 236 0.69 -18.52 -2.94
CA LEU A 236 0.18 -18.54 -4.30
C LEU A 236 -0.96 -19.55 -4.46
N LYS A 237 -0.75 -20.78 -3.97
CA LYS A 237 -1.80 -21.79 -3.99
C LYS A 237 -3.06 -21.29 -3.30
N LYS A 238 -2.90 -20.64 -2.14
CA LYS A 238 -4.07 -20.10 -1.44
C LYS A 238 -4.79 -19.05 -2.29
N SER A 239 -4.03 -18.19 -2.97
CA SER A 239 -4.64 -17.15 -3.77
C SER A 239 -5.43 -17.76 -4.91
N MET A 240 -4.91 -18.85 -5.48
CA MET A 240 -5.58 -19.48 -6.62
C MET A 240 -6.89 -20.09 -6.16
N ALA A 241 -6.88 -20.74 -4.99
CA ALA A 241 -8.10 -21.35 -4.48
C ALA A 241 -9.15 -20.31 -4.16
N PHE A 242 -8.74 -19.17 -3.59
CA PHE A 242 -9.68 -18.16 -3.17
C PHE A 242 -10.46 -17.56 -4.35
N ASP A 243 -9.73 -17.15 -5.39
CA ASP A 243 -10.40 -16.60 -6.56
C ASP A 243 -11.32 -17.67 -7.16
N GLU A 244 -10.87 -18.93 -7.14
CA GLU A 244 -11.74 -20.05 -7.54
C GLU A 244 -12.94 -20.19 -6.62
N ASP A 245 -12.72 -20.15 -5.30
CA ASP A 245 -13.79 -20.42 -4.33
C ASP A 245 -14.75 -19.24 -4.20
N TYR A 246 -14.21 -18.03 -4.06
CA TYR A 246 -15.06 -16.85 -3.89
C TYR A 246 -15.65 -16.37 -5.21
N PHE A 247 -14.78 -16.15 -6.21
CA PHE A 247 -15.19 -15.52 -7.45
C PHE A 247 -15.42 -16.50 -8.60
N GLY A 248 -15.08 -17.77 -8.40
CA GLY A 248 -15.23 -18.76 -9.46
C GLY A 248 -14.31 -18.56 -10.64
N LEU A 249 -13.15 -17.94 -10.44
CA LEU A 249 -12.24 -17.63 -11.53
C LEU A 249 -11.02 -18.53 -11.45
N GLU A 250 -10.62 -19.09 -12.59
CA GLU A 250 -9.48 -19.97 -12.68
C GLU A 250 -8.33 -19.30 -13.42
N TYR A 251 -7.11 -19.73 -13.12
CA TYR A 251 -5.96 -19.28 -13.88
C TYR A 251 -6.05 -19.85 -15.29
N ASP A 252 -5.68 -19.05 -16.27
CA ASP A 252 -5.86 -19.38 -17.67
C ASP A 252 -4.58 -19.79 -18.38
N LEU A 253 -3.43 -19.60 -17.76
CA LEU A 253 -2.17 -19.94 -18.42
C LEU A 253 -1.62 -21.26 -17.87
N SER A 254 -0.59 -21.77 -18.53
CA SER A 254 -0.04 -23.06 -18.15
C SER A 254 1.08 -22.93 -17.11
N ARG A 255 1.54 -21.72 -16.85
CA ARG A 255 2.64 -21.52 -15.91
C ARG A 255 2.51 -20.14 -15.29
N LEU A 256 2.83 -20.03 -14.00
CA LEU A 256 2.98 -18.74 -13.34
C LEU A 256 4.31 -18.72 -12.61
N ASN A 257 5.12 -17.70 -12.88
CA ASN A 257 6.42 -17.52 -12.23
C ASN A 257 6.38 -16.32 -11.29
N LEU A 258 6.93 -16.50 -10.09
CA LEU A 258 7.14 -15.41 -9.15
C LEU A 258 8.65 -15.25 -8.97
N VAL A 259 9.17 -14.02 -9.04
CA VAL A 259 10.62 -13.83 -8.94
C VAL A 259 10.92 -12.74 -7.92
N ALA A 260 11.83 -13.02 -6.98
CA ALA A 260 12.27 -12.04 -6.01
C ALA A 260 13.58 -11.39 -6.45
N VAL A 261 13.63 -10.05 -6.35
CA VAL A 261 14.86 -9.31 -6.57
C VAL A 261 15.07 -8.36 -5.40
N SER A 262 16.34 -8.07 -5.12
CA SER A 262 16.76 -7.25 -4.00
C SER A 262 16.48 -5.76 -4.21
N ASP A 263 16.48 -5.28 -5.44
CA ASP A 263 16.29 -3.85 -5.73
C ASP A 263 14.96 -3.65 -6.45
N PHE A 264 14.01 -3.01 -5.78
CA PHE A 264 12.67 -2.81 -6.35
C PHE A 264 12.05 -1.57 -5.73
N ASN A 265 11.42 -0.73 -6.57
CA ASN A 265 10.88 0.54 -6.09
C ASN A 265 9.66 0.35 -5.19
N VAL A 266 8.90 -0.71 -5.42
CA VAL A 266 7.63 -0.86 -4.73
C VAL A 266 7.57 -2.27 -4.17
N GLY A 267 6.37 -2.83 -4.07
CA GLY A 267 6.19 -4.12 -3.43
C GLY A 267 6.28 -5.29 -4.39
N ALA A 268 5.53 -5.25 -5.48
CA ALA A 268 5.60 -6.26 -6.52
C ALA A 268 4.85 -5.75 -7.74
N MET A 269 4.89 -6.55 -8.79
CA MET A 269 4.42 -6.21 -10.14
C MET A 269 3.80 -7.42 -10.83
N GLU A 270 2.61 -7.20 -11.42
CA GLU A 270 1.77 -8.28 -11.93
C GLU A 270 2.07 -8.62 -13.40
N ASN A 271 3.32 -8.56 -13.87
CA ASN A 271 3.59 -8.93 -15.26
C ASN A 271 3.07 -10.32 -15.59
N LYS A 272 2.38 -10.44 -16.73
CA LYS A 272 1.60 -11.64 -17.06
C LYS A 272 2.47 -12.91 -17.06
N GLY A 273 2.11 -13.87 -16.20
CA GLY A 273 2.84 -15.10 -16.01
C GLY A 273 4.23 -14.96 -15.41
N LEU A 274 4.65 -13.74 -15.07
CA LEU A 274 6.01 -13.39 -14.64
C LEU A 274 5.90 -12.25 -13.61
N ASN A 275 5.32 -12.57 -12.46
CA ASN A 275 5.20 -11.58 -11.40
C ASN A 275 6.56 -11.36 -10.73
N ILE A 276 6.97 -10.09 -10.61
CA ILE A 276 8.27 -9.75 -9.99
C ILE A 276 8.04 -9.00 -8.67
N PHE A 277 8.83 -9.38 -7.67
CA PHE A 277 8.59 -8.99 -6.28
C PHE A 277 9.82 -8.32 -5.70
N ASN A 278 9.58 -7.28 -4.89
CA ASN A 278 10.56 -6.90 -3.90
C ASN A 278 10.85 -8.14 -3.04
N ALA A 279 12.14 -8.45 -2.85
CA ALA A 279 12.47 -9.60 -2.01
C ALA A 279 11.80 -9.52 -0.64
N ASN A 280 11.63 -8.30 -0.09
CA ASN A 280 11.01 -8.23 1.24
C ASN A 280 9.53 -8.58 1.20
N SER A 281 8.93 -8.74 0.03
CA SER A 281 7.54 -9.15 -0.09
C SER A 281 7.36 -10.54 -0.71
N LEU A 282 8.44 -11.34 -0.83
CA LEU A 282 8.29 -12.71 -1.31
C LEU A 282 9.00 -13.72 -0.40
N LEU A 283 10.10 -13.31 0.24
CA LEU A 283 11.00 -14.21 0.94
C LEU A 283 10.84 -14.11 2.46
N ALA A 284 10.68 -15.25 3.12
CA ALA A 284 10.68 -15.26 4.57
C ALA A 284 11.15 -16.61 5.09
N SER A 285 11.62 -16.58 6.34
CA SER A 285 11.93 -17.78 7.09
C SER A 285 11.77 -17.46 8.56
N LYS A 286 11.35 -18.46 9.35
CA LYS A 286 11.03 -18.13 10.72
C LYS A 286 12.26 -17.75 11.52
N LYS A 287 13.44 -18.27 11.13
CA LYS A 287 14.69 -17.90 11.77
C LYS A 287 15.11 -16.48 11.41
N ASN A 288 14.75 -16.00 10.21
CA ASN A 288 15.35 -14.78 9.67
C ASN A 288 14.35 -13.69 9.28
N SER A 289 13.09 -13.80 9.67
CA SER A 289 12.13 -12.77 9.33
C SER A 289 11.29 -12.39 10.55
N ILE A 290 10.86 -11.14 10.60
CA ILE A 290 9.86 -10.74 11.58
C ILE A 290 8.48 -11.23 11.17
N ASP A 291 7.60 -11.39 12.15
CA ASP A 291 6.26 -11.89 11.93
C ASP A 291 5.55 -11.16 10.80
N PHE A 292 5.77 -9.85 10.70
CA PHE A 292 5.07 -9.04 9.71
C PHE A 292 5.28 -9.58 8.30
N SER A 293 6.43 -10.20 8.02
CA SER A 293 6.71 -10.66 6.66
C SER A 293 5.65 -11.65 6.17
N TYR A 294 5.06 -12.45 7.07
CA TYR A 294 4.17 -13.51 6.63
C TYR A 294 2.85 -12.97 6.13
N ALA A 295 2.32 -11.94 6.80
CA ALA A 295 1.13 -11.26 6.28
C ALA A 295 1.45 -10.42 5.04
N ARG A 296 2.61 -9.77 4.99
CA ARG A 296 3.03 -9.04 3.80
C ARG A 296 3.13 -9.93 2.57
N ILE A 297 3.79 -11.09 2.70
CA ILE A 297 3.91 -11.98 1.55
C ILE A 297 2.54 -12.50 1.13
N LEU A 298 1.72 -12.91 2.09
CA LEU A 298 0.37 -13.36 1.75
C LEU A 298 -0.39 -12.29 0.98
N THR A 299 -0.37 -11.02 1.45
CA THR A 299 -1.14 -10.00 0.74
C THR A 299 -0.52 -9.65 -0.60
N VAL A 300 0.81 -9.58 -0.69
CA VAL A 300 1.43 -9.14 -1.95
C VAL A 300 1.37 -10.23 -3.01
N VAL A 301 1.59 -11.49 -2.63
CA VAL A 301 1.37 -12.58 -3.59
C VAL A 301 -0.09 -12.62 -4.02
N GLY A 302 -1.00 -12.49 -3.06
CA GLY A 302 -2.41 -12.48 -3.44
C GLY A 302 -2.72 -11.32 -4.35
N HIS A 303 -2.19 -10.16 -4.03
CA HIS A 303 -2.51 -8.96 -4.78
C HIS A 303 -2.12 -9.12 -6.24
N GLU A 304 -0.88 -9.56 -6.50
CA GLU A 304 -0.47 -9.70 -7.89
C GLU A 304 -1.24 -10.80 -8.61
N TYR A 305 -1.61 -11.88 -7.90
CA TYR A 305 -2.42 -12.92 -8.52
C TYR A 305 -3.78 -12.40 -8.92
N PHE A 306 -4.44 -11.66 -8.01
CA PHE A 306 -5.78 -11.17 -8.30
C PHE A 306 -5.76 -10.22 -9.49
N HIS A 307 -4.63 -9.56 -9.73
CA HIS A 307 -4.48 -8.74 -10.93
C HIS A 307 -4.67 -9.56 -12.20
N GLN A 308 -4.40 -10.87 -12.16
CA GLN A 308 -4.49 -11.62 -13.42
C GLN A 308 -5.88 -11.42 -14.04
N TYR A 309 -6.92 -11.33 -13.22
CA TYR A 309 -8.20 -10.91 -13.80
C TYR A 309 -8.36 -9.39 -13.77
N THR A 310 -8.23 -8.76 -12.60
CA THR A 310 -8.56 -7.33 -12.47
C THR A 310 -7.29 -6.53 -12.73
N GLY A 311 -6.99 -6.42 -14.03
CA GLY A 311 -5.84 -5.68 -14.48
C GLY A 311 -5.26 -6.29 -15.73
N ASN A 312 -5.08 -7.62 -15.71
CA ASN A 312 -4.45 -8.28 -16.84
C ASN A 312 -5.46 -8.77 -17.88
N ARG A 313 -6.53 -9.40 -17.45
CA ARG A 313 -7.50 -9.90 -18.44
C ARG A 313 -8.49 -8.79 -18.81
N VAL A 314 -9.00 -8.09 -17.81
CA VAL A 314 -9.70 -6.83 -17.99
C VAL A 314 -8.71 -5.70 -17.80
N THR A 315 -8.53 -4.88 -18.83
CA THR A 315 -7.41 -3.96 -18.99
C THR A 315 -7.89 -2.53 -18.80
N LEU A 316 -6.95 -1.62 -18.50
CA LEU A 316 -7.26 -0.19 -18.50
C LEU A 316 -7.18 0.43 -19.89
N ARG A 317 -8.17 1.25 -20.21
CA ARG A 317 -8.12 2.09 -21.39
C ARG A 317 -7.00 3.11 -21.30
N ASP A 318 -6.84 3.70 -20.12
CA ASP A 318 -5.87 4.77 -19.93
C ASP A 318 -5.52 4.81 -18.45
N TRP A 319 -4.45 5.53 -18.15
CA TRP A 319 -3.94 5.54 -16.79
C TRP A 319 -4.87 6.19 -15.79
N PHE A 320 -5.80 7.03 -16.25
CA PHE A 320 -6.74 7.65 -15.29
C PHE A 320 -7.68 6.63 -14.67
N GLN A 321 -7.88 5.48 -15.31
CA GLN A 321 -8.63 4.38 -14.73
C GLN A 321 -7.81 3.54 -13.73
N LEU A 322 -6.66 4.03 -13.26
CA LEU A 322 -5.78 3.21 -12.42
C LEU A 322 -6.52 2.53 -11.26
N THR A 323 -7.43 3.25 -10.56
CA THR A 323 -8.05 2.68 -9.36
C THR A 323 -8.96 1.51 -9.68
N LEU A 324 -9.42 1.41 -10.95
CA LEU A 324 -10.20 0.25 -11.38
C LEU A 324 -9.41 -1.06 -11.33
N LYS A 325 -8.10 -1.03 -11.59
CA LYS A 325 -7.32 -2.23 -11.33
C LYS A 325 -6.68 -2.21 -9.94
N GLU A 326 -6.22 -1.06 -9.45
CA GLU A 326 -5.52 -1.10 -8.16
C GLU A 326 -6.50 -1.13 -6.99
N GLY A 327 -7.46 -0.21 -6.96
CA GLY A 327 -8.46 -0.26 -5.89
C GLY A 327 -9.19 -1.58 -5.84
N LEU A 328 -9.58 -2.12 -7.00
CA LEU A 328 -10.33 -3.37 -7.02
C LEU A 328 -9.47 -4.56 -6.61
N THR A 329 -8.20 -4.56 -7.01
CA THR A 329 -7.32 -5.64 -6.63
C THR A 329 -7.01 -5.59 -5.14
N VAL A 330 -6.82 -4.38 -4.57
CA VAL A 330 -6.63 -4.29 -3.13
C VAL A 330 -7.86 -4.83 -2.41
N HIS A 331 -9.05 -4.50 -2.90
CA HIS A 331 -10.29 -5.02 -2.32
C HIS A 331 -10.32 -6.54 -2.34
N ARG A 332 -9.98 -7.13 -3.50
CA ARG A 332 -9.91 -8.59 -3.60
C ARG A 332 -8.82 -9.14 -2.69
N GLU A 333 -7.67 -8.49 -2.65
CA GLU A 333 -6.60 -8.78 -1.68
C GLU A 333 -7.12 -8.77 -0.24
N ASN A 334 -7.86 -7.73 0.14
CA ASN A 334 -8.28 -7.65 1.54
C ASN A 334 -9.29 -8.75 1.87
N LEU A 335 -10.21 -9.04 0.95
CA LEU A 335 -11.15 -10.13 1.17
C LEU A 335 -10.38 -11.44 1.37
N PHE A 336 -9.32 -11.61 0.59
CA PHE A 336 -8.48 -12.80 0.70
C PHE A 336 -7.83 -12.89 2.07
N SER A 337 -7.19 -11.81 2.51
CA SER A 337 -6.42 -11.85 3.76
C SER A 337 -7.33 -12.07 4.95
N GLU A 338 -8.49 -11.38 4.97
CA GLU A 338 -9.47 -11.60 6.01
C GLU A 338 -9.89 -13.06 6.09
N GLU A 339 -10.13 -13.69 4.93
CA GLU A 339 -10.47 -15.10 4.92
C GLU A 339 -9.32 -15.97 5.40
N MET A 340 -8.07 -15.60 5.07
CA MET A 340 -7.02 -16.55 5.40
C MET A 340 -6.49 -16.37 6.81
N THR A 341 -6.44 -15.16 7.32
CA THR A 341 -5.92 -14.93 8.66
C THR A 341 -6.96 -15.26 9.71
N LYS A 342 -8.24 -15.06 9.39
CA LYS A 342 -9.33 -15.28 10.32
C LYS A 342 -9.16 -14.53 11.65
N THR A 343 -8.62 -13.31 11.59
CA THR A 343 -8.48 -12.47 12.78
C THR A 343 -9.15 -11.13 12.50
N VAL A 344 -9.82 -10.55 13.52
CA VAL A 344 -10.41 -9.22 13.32
C VAL A 344 -9.37 -8.14 13.08
N THR A 345 -8.15 -8.32 13.53
CA THR A 345 -7.18 -7.25 13.34
C THR A 345 -6.77 -7.05 11.88
N THR A 346 -7.05 -8.01 10.99
CA THR A 346 -6.77 -7.79 9.57
C THR A 346 -7.58 -6.60 9.03
N ARG A 347 -8.89 -6.62 9.21
CA ARG A 347 -9.71 -5.49 8.77
C ARG A 347 -9.32 -4.22 9.53
N LEU A 348 -9.14 -4.33 10.84
CA LEU A 348 -8.74 -3.18 11.65
C LEU A 348 -7.45 -2.56 11.14
N SER A 349 -6.49 -3.39 10.69
CA SER A 349 -5.24 -2.85 10.19
C SER A 349 -5.44 -2.04 8.90
N HIS A 350 -6.40 -2.41 8.03
CA HIS A 350 -6.66 -1.64 6.82
CA HIS A 350 -6.62 -1.61 6.84
C HIS A 350 -7.34 -0.30 7.16
N VAL A 351 -8.24 -0.31 8.14
CA VAL A 351 -8.86 0.94 8.54
C VAL A 351 -7.82 1.86 9.16
N ASP A 352 -6.98 1.31 10.04
CA ASP A 352 -5.98 2.11 10.73
C ASP A 352 -4.98 2.72 9.75
N LEU A 353 -4.63 1.98 8.67
CA LEU A 353 -3.87 2.57 7.56
C LEU A 353 -4.66 3.66 6.83
N LEU A 354 -5.92 3.39 6.50
CA LEU A 354 -6.66 4.38 5.73
C LEU A 354 -6.79 5.68 6.52
N ARG A 355 -7.21 5.56 7.78
CA ARG A 355 -7.52 6.76 8.57
C ARG A 355 -6.29 7.52 9.03
N SER A 356 -5.12 6.89 9.06
CA SER A 356 -3.89 7.63 9.34
C SER A 356 -3.33 8.19 8.03
N VAL A 357 -2.84 7.30 7.17
CA VAL A 357 -2.11 7.73 5.98
C VAL A 357 -3.02 8.38 4.95
N GLN A 358 -4.14 7.73 4.62
CA GLN A 358 -4.90 8.24 3.47
C GLN A 358 -5.69 9.48 3.85
N PHE A 359 -6.23 9.55 5.06
CA PHE A 359 -6.95 10.75 5.47
C PHE A 359 -6.03 11.96 5.45
N LEU A 360 -4.79 11.78 5.89
CA LEU A 360 -3.82 12.87 5.84
C LEU A 360 -3.64 13.36 4.40
N GLU A 361 -3.44 12.42 3.47
CA GLU A 361 -3.24 12.82 2.08
C GLU A 361 -4.46 13.55 1.53
N ASP A 362 -5.65 13.10 1.94
CA ASP A 362 -6.85 13.63 1.33
C ASP A 362 -7.26 14.99 1.93
N SER A 363 -6.64 15.44 3.04
CA SER A 363 -6.82 16.81 3.52
C SER A 363 -5.56 17.65 3.34
N SER A 364 -4.55 17.11 2.66
CA SER A 364 -3.32 17.81 2.32
C SER A 364 -3.49 18.51 0.98
N PRO A 365 -2.55 19.38 0.59
CA PRO A 365 -2.65 19.98 -0.76
C PRO A 365 -2.51 18.96 -1.88
N LEU A 366 -2.16 17.71 -1.59
CA LEU A 366 -2.06 16.68 -2.61
C LEU A 366 -3.40 16.01 -2.90
N SER A 367 -4.46 16.39 -2.17
CA SER A 367 -5.75 15.69 -2.25
C SER A 367 -6.20 15.54 -3.68
N HIS A 368 -6.72 14.35 -4.00
CA HIS A 368 -7.19 14.02 -5.32
C HIS A 368 -8.26 12.94 -5.21
N PRO A 369 -9.23 12.90 -6.13
CA PRO A 369 -10.20 11.81 -6.11
C PRO A 369 -9.53 10.53 -6.60
N ILE A 370 -10.22 9.40 -6.42
CA ILE A 370 -9.60 8.14 -6.80
C ILE A 370 -9.44 8.04 -8.31
N ARG A 371 -10.14 8.89 -9.08
CA ARG A 371 -9.91 9.04 -10.51
C ARG A 371 -9.54 10.50 -10.78
N PRO A 372 -8.25 10.83 -10.78
CA PRO A 372 -7.85 12.23 -11.01
C PRO A 372 -8.22 12.71 -12.41
N GLU A 373 -8.27 14.03 -12.55
CA GLU A 373 -8.58 14.56 -13.86
C GLU A 373 -7.33 14.89 -14.67
N SER A 374 -6.14 14.83 -14.06
CA SER A 374 -4.94 15.19 -14.79
C SER A 374 -3.72 14.67 -14.05
N TYR A 375 -2.61 14.61 -14.78
CA TYR A 375 -1.32 14.29 -14.19
C TYR A 375 -0.23 14.84 -15.09
N VAL A 376 0.98 14.93 -14.53
CA VAL A 376 2.19 15.20 -15.29
C VAL A 376 3.20 14.07 -15.15
N SER A 377 3.36 13.57 -13.92
CA SER A 377 4.21 12.42 -13.63
C SER A 377 3.29 11.23 -13.35
N MET A 378 3.25 10.28 -14.30
CA MET A 378 2.44 9.08 -14.11
C MET A 378 2.86 8.28 -12.87
N GLU A 379 4.12 8.37 -12.47
CA GLU A 379 4.56 7.64 -11.29
C GLU A 379 3.97 8.24 -10.02
N ASN A 380 3.65 9.54 -10.04
CA ASN A 380 3.06 10.17 -8.87
C ASN A 380 1.57 9.85 -8.70
N PHE A 381 0.96 9.23 -9.70
CA PHE A 381 -0.44 8.80 -9.67
C PHE A 381 -0.69 7.63 -8.71
N TYR A 382 0.36 6.91 -8.33
CA TYR A 382 0.24 5.70 -7.52
C TYR A 382 0.30 6.09 -6.06
N THR A 383 -0.87 6.12 -5.42
CA THR A 383 -1.06 6.76 -4.12
C THR A 383 -1.99 5.94 -3.25
N THR A 384 -1.96 6.21 -1.95
CA THR A 384 -2.89 5.55 -1.04
C THR A 384 -4.34 5.96 -1.30
N THR A 385 -4.58 7.13 -1.88
CA THR A 385 -5.96 7.46 -2.29
C THR A 385 -6.44 6.50 -3.37
N VAL A 386 -5.67 6.37 -4.45
CA VAL A 386 -6.04 5.49 -5.54
C VAL A 386 -6.13 4.06 -5.07
N TYR A 387 -5.20 3.63 -4.19
CA TYR A 387 -5.22 2.22 -3.78
C TYR A 387 -6.21 1.94 -2.66
N ASP A 388 -6.05 2.63 -1.54
CA ASP A 388 -6.74 2.25 -0.31
C ASP A 388 -8.11 2.89 -0.16
N LYS A 389 -8.28 4.18 -0.51
CA LYS A 389 -9.64 4.66 -0.66
C LYS A 389 -10.32 3.98 -1.84
N GLY A 390 -9.59 3.77 -2.93
CA GLY A 390 -10.13 2.98 -4.03
C GLY A 390 -10.70 1.66 -3.55
N SER A 391 -9.94 0.93 -2.72
N SER A 391 -9.91 0.91 -2.76
CA SER A 391 -10.44 -0.35 -2.22
CA SER A 391 -10.38 -0.33 -2.17
C SER A 391 -11.68 -0.17 -1.34
C SER A 391 -11.67 -0.14 -1.37
N GLU A 392 -11.72 0.90 -0.53
CA GLU A 392 -12.91 1.13 0.30
C GLU A 392 -14.13 1.44 -0.56
N VAL A 393 -13.94 2.21 -1.64
CA VAL A 393 -15.04 2.42 -2.58
C VAL A 393 -15.46 1.11 -3.25
N MET A 394 -14.48 0.31 -3.68
CA MET A 394 -14.78 -1.02 -4.21
C MET A 394 -15.49 -1.89 -3.17
N ARG A 395 -15.08 -1.82 -1.90
CA ARG A 395 -15.71 -2.61 -0.84
C ARG A 395 -17.17 -2.18 -0.57
N MET A 396 -17.48 -0.88 -0.59
CA MET A 396 -18.88 -0.49 -0.38
C MET A 396 -19.86 -1.09 -1.38
N TYR A 397 -19.46 -1.39 -2.62
CA TYR A 397 -20.39 -2.13 -3.47
C TYR A 397 -20.86 -3.41 -2.79
N LEU A 398 -19.91 -4.12 -2.14
CA LEU A 398 -20.21 -5.38 -1.46
C LEU A 398 -21.10 -5.15 -0.25
N THR A 399 -20.83 -4.10 0.52
CA THR A 399 -21.70 -3.73 1.63
C THR A 399 -23.13 -3.41 1.13
N ILE A 400 -23.23 -2.61 0.08
CA ILE A 400 -24.55 -2.24 -0.41
C ILE A 400 -25.30 -3.44 -0.94
N LEU A 401 -24.62 -4.30 -1.71
CA LEU A 401 -25.28 -5.35 -2.47
C LEU A 401 -25.48 -6.63 -1.68
N GLY A 402 -24.64 -6.86 -0.68
CA GLY A 402 -24.55 -8.17 -0.06
C GLY A 402 -23.75 -9.12 -0.92
N GLU A 403 -23.37 -10.24 -0.32
CA GLU A 403 -22.40 -11.14 -0.97
C GLU A 403 -22.95 -11.72 -2.27
N GLU A 404 -24.20 -12.15 -2.28
CA GLU A 404 -24.72 -12.86 -3.45
C GLU A 404 -24.82 -11.95 -4.67
N TYR A 405 -25.48 -10.80 -4.50
CA TYR A 405 -25.62 -9.88 -5.63
C TYR A 405 -24.30 -9.20 -5.97
N TYR A 406 -23.41 -8.98 -4.99
CA TYR A 406 -22.08 -8.48 -5.32
C TYR A 406 -21.38 -9.43 -6.29
N LYS A 407 -21.35 -10.72 -5.94
CA LYS A 407 -20.70 -11.70 -6.80
C LYS A 407 -21.34 -11.71 -8.18
N LYS A 408 -22.66 -11.57 -8.24
CA LYS A 408 -23.34 -11.52 -9.54
C LYS A 408 -22.90 -10.31 -10.34
N GLY A 409 -22.77 -9.16 -9.69
CA GLY A 409 -22.33 -7.98 -10.41
C GLY A 409 -20.89 -8.08 -10.85
N PHE A 410 -20.02 -8.62 -9.98
CA PHE A 410 -18.62 -8.81 -10.34
C PHE A 410 -18.52 -9.75 -11.55
N ASP A 411 -19.34 -10.80 -11.57
CA ASP A 411 -19.33 -11.73 -12.70
C ASP A 411 -19.78 -11.06 -13.99
N ILE A 412 -20.81 -10.21 -13.92
CA ILE A 412 -21.21 -9.41 -15.08
C ILE A 412 -20.03 -8.62 -15.61
N TYR A 413 -19.29 -7.96 -14.70
CA TYR A 413 -18.16 -7.14 -15.09
C TYR A 413 -17.09 -7.95 -15.80
N ILE A 414 -16.74 -9.11 -15.24
CA ILE A 414 -15.69 -9.93 -15.85
C ILE A 414 -16.17 -10.51 -17.17
N LYS A 415 -17.43 -10.97 -17.24
CA LYS A 415 -17.95 -11.56 -18.47
C LYS A 415 -18.08 -10.54 -19.58
N LYS A 416 -18.55 -9.34 -19.26
CA LYS A 416 -18.74 -8.35 -20.31
C LYS A 416 -17.41 -7.82 -20.82
N ASN A 417 -16.36 -7.83 -20.00
CA ASN A 417 -15.14 -7.08 -20.31
C ASN A 417 -13.87 -7.90 -20.41
N ASP A 418 -13.92 -9.20 -20.12
CA ASP A 418 -12.76 -10.06 -20.26
C ASP A 418 -12.12 -9.89 -21.63
N GLY A 419 -10.81 -9.69 -21.65
CA GLY A 419 -10.12 -9.57 -22.92
C GLY A 419 -10.20 -8.19 -23.54
N ASN A 420 -10.80 -7.23 -22.87
CA ASN A 420 -10.98 -5.89 -23.40
C ASN A 420 -10.47 -4.86 -22.40
N THR A 421 -10.46 -3.61 -22.82
CA THR A 421 -10.24 -2.50 -21.91
C THR A 421 -11.54 -2.09 -21.26
N ALA A 422 -11.43 -1.44 -20.09
CA ALA A 422 -12.59 -1.03 -19.33
C ALA A 422 -12.29 0.28 -18.61
N THR A 423 -13.34 0.87 -18.03
CA THR A 423 -13.29 2.14 -17.32
C THR A 423 -14.10 2.00 -16.03
N CYS A 424 -13.88 2.95 -15.11
CA CYS A 424 -14.64 2.95 -13.86
C CYS A 424 -16.14 2.84 -14.08
N GLU A 425 -16.67 3.58 -15.08
CA GLU A 425 -18.09 3.54 -15.39
C GLU A 425 -18.56 2.13 -15.75
N ASP A 426 -17.74 1.36 -16.47
CA ASP A 426 -18.05 -0.04 -16.75
C ASP A 426 -18.30 -0.82 -15.46
N PHE A 427 -17.47 -0.61 -14.44
CA PHE A 427 -17.66 -1.35 -13.19
C PHE A 427 -18.96 -0.93 -12.50
N ASN A 428 -19.18 0.39 -12.40
CA ASN A 428 -20.41 0.89 -11.81
C ASN A 428 -21.64 0.31 -12.51
N TYR A 429 -21.58 0.23 -13.85
CA TYR A 429 -22.67 -0.36 -14.62
C TYR A 429 -22.91 -1.82 -14.24
N ALA A 430 -21.82 -2.59 -14.12
CA ALA A 430 -21.97 -3.99 -13.73
C ALA A 430 -22.62 -4.11 -12.35
N MET A 431 -22.20 -3.25 -11.43
CA MET A 431 -22.80 -3.24 -10.09
C MET A 431 -24.22 -2.73 -10.14
N GLU A 432 -24.51 -1.78 -11.03
CA GLU A 432 -25.86 -1.27 -11.13
C GLU A 432 -26.84 -2.37 -11.54
N GLN A 433 -26.42 -3.21 -12.50
CA GLN A 433 -27.25 -4.35 -12.92
C GLN A 433 -27.57 -5.25 -11.74
N ALA A 434 -26.62 -5.44 -10.82
CA ALA A 434 -26.87 -6.22 -9.62
C ALA A 434 -27.72 -5.46 -8.61
N TYR A 435 -27.60 -4.12 -8.59
CA TYR A 435 -28.42 -3.29 -7.72
C TYR A 435 -29.88 -3.31 -8.18
N LYS A 436 -30.09 -3.29 -9.50
CA LYS A 436 -31.44 -3.37 -10.06
C LYS A 436 -32.10 -4.68 -9.70
N MET A 437 -31.37 -5.79 -9.80
CA MET A 437 -31.94 -7.08 -9.42
C MET A 437 -32.20 -7.14 -7.91
N LYS A 438 -31.28 -6.59 -7.10
CA LYS A 438 -31.45 -6.62 -5.65
C LYS A 438 -32.66 -5.80 -5.22
N LYS A 439 -32.87 -4.63 -5.83
CA LYS A 439 -34.00 -3.77 -5.48
C LYS A 439 -35.31 -4.21 -6.11
N ALA A 440 -35.30 -5.25 -6.96
CA ALA A 440 -36.48 -5.65 -7.74
C ALA A 440 -37.05 -4.47 -8.54
N ASP A 441 -36.22 -3.47 -8.79
CA ASP A 441 -36.64 -2.22 -9.40
C ASP A 441 -35.65 -1.87 -10.50
N ASN A 442 -36.06 -2.06 -11.76
CA ASN A 442 -35.17 -1.78 -12.87
C ASN A 442 -35.07 -0.29 -13.18
N SER A 443 -35.70 0.57 -12.39
CA SER A 443 -35.51 2.01 -12.45
C SER A 443 -34.48 2.51 -11.46
N ALA A 444 -34.08 1.68 -10.49
CA ALA A 444 -33.07 2.06 -9.51
C ALA A 444 -31.72 2.12 -10.19
N ASN A 445 -30.86 3.02 -9.71
CA ASN A 445 -29.59 3.24 -10.38
C ASN A 445 -28.51 3.59 -9.37
N LEU A 446 -27.29 3.70 -9.88
CA LEU A 446 -26.10 3.96 -9.09
C LEU A 446 -25.39 5.19 -9.63
N ASN A 447 -26.13 6.08 -10.29
CA ASN A 447 -25.49 7.25 -10.89
C ASN A 447 -24.86 8.14 -9.83
N GLN A 448 -25.52 8.31 -8.67
CA GLN A 448 -24.93 9.09 -7.59
C GLN A 448 -23.62 8.48 -7.11
N TYR A 449 -23.50 7.15 -7.21
CA TYR A 449 -22.32 6.50 -6.68
C TYR A 449 -21.08 6.93 -7.43
N LEU A 450 -21.22 7.35 -8.69
CA LEU A 450 -20.04 7.74 -9.47
C LEU A 450 -19.26 8.86 -8.80
N LEU A 451 -19.91 9.65 -7.95
CA LEU A 451 -19.18 10.72 -7.25
C LEU A 451 -18.07 10.19 -6.35
N TRP A 452 -18.13 8.92 -5.92
CA TRP A 452 -17.00 8.38 -5.17
C TRP A 452 -15.72 8.39 -6.01
N PHE A 453 -15.84 8.35 -7.34
CA PHE A 453 -14.66 8.32 -8.21
C PHE A 453 -14.12 9.71 -8.50
N SER A 454 -14.98 10.73 -8.52
CA SER A 454 -14.60 12.05 -8.99
C SER A 454 -14.46 13.08 -7.88
N GLN A 455 -15.02 12.86 -6.71
CA GLN A 455 -15.00 13.86 -5.65
C GLN A 455 -13.90 13.55 -4.65
N SER A 456 -13.02 14.52 -4.42
CA SER A 456 -11.93 14.36 -3.48
C SER A 456 -12.38 14.77 -2.06
N GLY A 457 -11.54 14.44 -1.08
CA GLY A 457 -11.79 14.81 0.31
C GLY A 457 -12.56 13.76 1.07
N THR A 458 -12.45 13.81 2.40
CA THR A 458 -13.07 12.81 3.27
C THR A 458 -14.41 13.33 3.76
N PRO A 459 -15.53 12.66 3.45
CA PRO A 459 -16.81 13.13 4.02
C PRO A 459 -16.78 13.01 5.53
N HIS A 460 -17.44 13.96 6.20
CA HIS A 460 -17.72 13.90 7.63
C HIS A 460 -19.17 13.47 7.83
N VAL A 461 -19.40 12.48 8.67
CA VAL A 461 -20.75 12.00 8.97
C VAL A 461 -21.01 12.11 10.48
N SER A 462 -22.07 12.84 10.83
CA SER A 462 -22.41 13.18 12.20
C SER A 462 -23.83 12.75 12.53
N PHE A 463 -24.10 12.60 13.83
CA PHE A 463 -25.32 11.96 14.28
C PHE A 463 -25.96 12.73 15.43
N LYS A 464 -27.30 12.71 15.47
CA LYS A 464 -28.05 13.06 16.66
C LYS A 464 -29.15 12.02 16.81
N TYR A 465 -29.65 11.89 18.03
CA TYR A 465 -30.49 10.76 18.39
C TYR A 465 -31.70 11.26 19.14
N ASN A 466 -32.78 10.49 19.05
CA ASN A 466 -33.97 10.77 19.82
C ASN A 466 -34.60 9.43 20.18
N TYR A 467 -34.97 9.26 21.45
CA TYR A 467 -35.73 8.09 21.85
C TYR A 467 -37.01 8.53 22.54
N ASP A 468 -38.14 8.11 22.01
CA ASP A 468 -39.43 8.30 22.67
C ASP A 468 -39.76 7.01 23.43
N ALA A 469 -39.69 7.10 24.76
CA ALA A 469 -39.90 5.93 25.59
C ALA A 469 -41.33 5.42 25.50
N GLU A 470 -42.31 6.32 25.51
CA GLU A 470 -43.70 5.87 25.41
C GLU A 470 -43.98 5.25 24.04
N LYS A 471 -43.44 5.85 22.98
CA LYS A 471 -43.68 5.35 21.62
C LYS A 471 -42.83 4.15 21.24
N LYS A 472 -41.77 3.85 22.01
CA LYS A 472 -40.81 2.80 21.64
C LYS A 472 -40.21 3.11 20.27
N GLN A 473 -39.86 4.37 20.06
CA GLN A 473 -39.47 4.88 18.75
C GLN A 473 -38.12 5.55 18.85
N TYR A 474 -37.17 5.10 18.03
CA TYR A 474 -35.79 5.56 18.06
C TYR A 474 -35.45 6.18 16.72
N SER A 475 -34.81 7.35 16.75
CA SER A 475 -34.55 8.08 15.52
C SER A 475 -33.07 8.40 15.47
N ILE A 476 -32.45 8.12 14.32
CA ILE A 476 -31.05 8.47 14.10
C ILE A 476 -31.04 9.54 13.01
N HIS A 477 -30.68 10.77 13.38
CA HIS A 477 -30.51 11.86 12.42
CA HIS A 477 -30.52 11.85 12.41
C HIS A 477 -29.07 11.91 11.96
N VAL A 478 -28.86 11.89 10.63
CA VAL A 478 -27.53 11.77 10.07
C VAL A 478 -27.28 12.99 9.19
N ASN A 479 -26.05 13.52 9.24
CA ASN A 479 -25.58 14.61 8.38
C ASN A 479 -24.25 14.21 7.76
N GLN A 480 -24.08 14.52 6.47
CA GLN A 480 -22.80 14.33 5.78
C GLN A 480 -22.32 15.65 5.20
N TYR A 481 -20.99 15.81 5.18
CA TYR A 481 -20.38 17.06 4.80
C TYR A 481 -18.96 16.79 4.32
N THR A 482 -18.61 17.35 3.17
CA THR A 482 -17.24 17.32 2.68
C THR A 482 -16.74 18.75 2.53
N LYS A 483 -15.55 18.99 3.06
CA LYS A 483 -14.94 20.30 3.00
C LYS A 483 -14.59 20.65 1.55
N PRO A 484 -14.89 21.89 1.13
CA PRO A 484 -14.39 22.36 -0.17
C PRO A 484 -12.87 22.27 -0.22
N ASP A 485 -12.34 21.94 -1.40
CA ASP A 485 -10.89 21.94 -1.59
C ASP A 485 -10.60 22.47 -3.00
N GLU A 486 -9.37 22.24 -3.47
CA GLU A 486 -8.97 22.76 -4.77
C GLU A 486 -9.64 22.04 -5.94
N ASN A 487 -10.22 20.86 -5.70
CA ASN A 487 -10.82 20.09 -6.79
C ASN A 487 -12.31 20.37 -6.97
N GLN A 488 -13.06 20.56 -5.89
CA GLN A 488 -14.46 20.99 -6.00
C GLN A 488 -14.73 22.11 -5.02
N LYS A 489 -15.23 23.24 -5.53
CA LYS A 489 -15.66 24.32 -4.64
C LYS A 489 -16.92 23.91 -3.89
N GLU A 490 -17.91 23.36 -4.60
CA GLU A 490 -19.13 22.88 -3.98
C GLU A 490 -19.17 21.36 -4.03
N LYS A 491 -19.17 20.73 -2.86
CA LYS A 491 -19.17 19.28 -2.75
C LYS A 491 -20.62 18.76 -2.78
N LYS A 492 -20.83 17.60 -3.41
CA LYS A 492 -22.17 17.03 -3.44
C LYS A 492 -22.29 15.90 -2.43
N PRO A 493 -23.51 15.48 -2.07
CA PRO A 493 -23.65 14.36 -1.13
C PRO A 493 -23.37 13.05 -1.84
N LEU A 494 -22.61 12.17 -1.17
CA LEU A 494 -22.32 10.86 -1.72
C LEU A 494 -23.33 9.83 -1.27
N PHE A 495 -23.34 8.68 -1.95
CA PHE A 495 -24.12 7.53 -1.50
C PHE A 495 -23.33 6.88 -0.36
N ILE A 496 -23.78 7.01 0.89
CA ILE A 496 -23.02 6.53 2.04
C ILE A 496 -23.75 5.36 2.69
N PRO A 497 -23.22 4.14 2.64
CA PRO A 497 -23.91 3.02 3.31
C PRO A 497 -23.43 2.90 4.75
N ILE A 498 -24.36 2.90 5.71
CA ILE A 498 -24.03 2.95 7.13
C ILE A 498 -24.55 1.66 7.76
N SER A 499 -23.66 0.69 7.95
N SER A 499 -23.65 0.71 8.00
CA SER A 499 -24.05 -0.55 8.62
CA SER A 499 -23.33 -1.46 8.40
CA SER A 499 -24.00 -0.55 8.63
C SER A 499 -24.23 -0.26 10.10
C SER A 499 -24.21 -0.30 10.12
N VAL A 500 -25.40 -0.60 10.63
CA VAL A 500 -25.74 -0.23 12.00
C VAL A 500 -26.32 -1.42 12.76
N GLY A 501 -26.08 -1.42 14.06
CA GLY A 501 -26.88 -2.19 14.99
C GLY A 501 -27.31 -1.29 16.14
N LEU A 502 -28.22 -1.83 16.95
CA LEU A 502 -28.70 -1.14 18.13
C LEU A 502 -28.44 -2.05 19.33
N ILE A 503 -27.64 -1.59 20.27
CA ILE A 503 -27.29 -2.40 21.42
C ILE A 503 -28.19 -2.04 22.58
N ASN A 504 -28.77 -3.04 23.22
CA ASN A 504 -29.49 -2.87 24.49
C ASN A 504 -28.46 -2.69 25.58
N PRO A 505 -28.35 -1.51 26.20
CA PRO A 505 -27.32 -1.31 27.23
C PRO A 505 -27.52 -2.15 28.49
N GLU A 506 -28.71 -2.71 28.71
CA GLU A 506 -28.92 -3.55 29.89
C GLU A 506 -28.20 -4.90 29.74
N ASN A 507 -28.32 -5.56 28.58
CA ASN A 507 -27.83 -6.93 28.42
C ASN A 507 -26.84 -7.09 27.28
N GLY A 508 -26.53 -6.02 26.56
CA GLY A 508 -25.57 -6.09 25.49
C GLY A 508 -26.04 -6.82 24.25
N LYS A 509 -27.34 -7.08 24.12
CA LYS A 509 -27.89 -7.84 23.00
C LYS A 509 -28.20 -6.93 21.82
N GLU A 510 -28.19 -7.54 20.63
CA GLU A 510 -28.65 -6.85 19.42
C GLU A 510 -30.15 -6.64 19.49
N MET A 511 -30.58 -5.47 19.04
CA MET A 511 -31.95 -5.04 19.18
C MET A 511 -32.68 -5.07 17.84
N ILE A 512 -31.95 -5.01 16.73
CA ILE A 512 -32.53 -5.05 15.39
C ILE A 512 -31.68 -5.97 14.53
N SER A 513 -32.24 -6.43 13.41
CA SER A 513 -31.49 -7.26 12.48
C SER A 513 -30.49 -6.42 11.70
N GLN A 514 -29.62 -7.11 10.96
CA GLN A 514 -28.67 -6.49 10.03
C GLN A 514 -29.37 -5.41 9.22
N THR A 515 -28.71 -4.26 9.09
CA THR A 515 -29.32 -3.05 8.58
C THR A 515 -28.21 -2.14 8.07
N THR A 516 -28.32 -1.73 6.80
CA THR A 516 -27.37 -0.80 6.20
C THR A 516 -28.21 0.38 5.75
N LEU A 517 -28.10 1.48 6.52
CA LEU A 517 -28.74 2.73 6.16
C LEU A 517 -28.12 3.26 4.87
N GLU A 518 -28.95 3.60 3.90
CA GLU A 518 -28.48 4.18 2.66
C GLU A 518 -28.73 5.68 2.74
N LEU A 519 -27.69 6.42 3.13
CA LEU A 519 -27.73 7.87 3.19
C LEU A 519 -27.35 8.41 1.82
N THR A 520 -28.30 9.06 1.16
CA THR A 520 -28.05 9.55 -0.18
C THR A 520 -28.29 11.05 -0.27
N LYS A 521 -28.64 11.68 0.83
CA LYS A 521 -28.90 13.12 0.87
C LYS A 521 -27.91 13.76 1.84
N GLU A 522 -27.81 15.08 1.80
CA GLU A 522 -26.94 15.75 2.75
C GLU A 522 -27.34 15.42 4.19
N SER A 523 -28.62 15.14 4.43
CA SER A 523 -29.10 14.76 5.76
C SER A 523 -30.37 13.94 5.62
N ASP A 524 -30.64 13.12 6.64
CA ASP A 524 -31.82 12.24 6.67
C ASP A 524 -32.08 11.82 8.11
N THR A 525 -33.32 11.38 8.36
CA THR A 525 -33.69 10.85 9.67
C THR A 525 -34.19 9.43 9.50
N PHE A 526 -33.53 8.48 10.18
CA PHE A 526 -33.92 7.08 10.12
C PHE A 526 -34.61 6.72 11.44
N VAL A 527 -35.84 6.22 11.36
CA VAL A 527 -36.67 5.95 12.52
C VAL A 527 -36.84 4.45 12.66
N PHE A 528 -36.85 3.96 13.89
CA PHE A 528 -37.06 2.54 14.17
C PHE A 528 -38.17 2.41 15.19
N ASN A 529 -39.15 1.57 14.87
CA ASN A 529 -40.25 1.31 15.78
C ASN A 529 -39.98 0.03 16.58
N ASN A 530 -40.80 -0.16 17.62
CA ASN A 530 -40.67 -1.32 18.51
C ASN A 530 -39.26 -1.48 19.05
N ILE A 531 -38.68 -0.36 19.50
CA ILE A 531 -37.41 -0.34 20.21
C ILE A 531 -37.72 -0.26 21.69
N ALA A 532 -37.46 -1.37 22.41
CA ALA A 532 -38.08 -1.56 23.73
C ALA A 532 -37.51 -0.64 24.79
N VAL A 533 -36.23 -0.26 24.65
CA VAL A 533 -35.54 0.59 25.61
C VAL A 533 -34.59 1.45 24.80
N LYS A 534 -34.08 2.50 25.43
CA LYS A 534 -33.15 3.40 24.74
C LYS A 534 -31.89 2.63 24.38
N PRO A 535 -31.57 2.50 23.09
CA PRO A 535 -30.40 1.72 22.70
C PRO A 535 -29.12 2.57 22.70
N ILE A 536 -28.01 1.89 22.52
CA ILE A 536 -26.75 2.53 22.15
C ILE A 536 -26.49 2.17 20.69
N PRO A 537 -26.39 3.13 19.79
CA PRO A 537 -26.20 2.78 18.37
C PRO A 537 -24.76 2.34 18.10
N SER A 538 -24.64 1.31 17.26
CA SER A 538 -23.37 0.77 16.80
C SER A 538 -23.25 1.20 15.33
N LEU A 539 -22.40 2.19 15.05
CA LEU A 539 -22.44 2.87 13.77
C LEU A 539 -21.25 2.56 12.87
N PHE A 540 -21.52 2.39 11.57
CA PHE A 540 -20.47 2.10 10.58
C PHE A 540 -19.74 0.81 10.94
N ARG A 541 -20.51 -0.23 11.27
CA ARG A 541 -19.92 -1.53 11.55
C ARG A 541 -19.05 -1.99 10.39
N GLY A 542 -17.88 -2.53 10.74
CA GLY A 542 -16.91 -2.92 9.72
C GLY A 542 -16.21 -1.76 9.07
N PHE A 543 -16.43 -0.53 9.56
CA PHE A 543 -16.06 0.69 8.85
C PHE A 543 -16.66 0.70 7.43
N SER A 544 -17.99 0.85 7.38
CA SER A 544 -18.73 0.65 6.14
C SER A 544 -18.66 1.81 5.14
N ALA A 545 -18.04 2.94 5.50
CA ALA A 545 -17.77 3.96 4.49
C ALA A 545 -16.51 4.71 4.89
N PRO A 546 -15.72 5.18 3.92
CA PRO A 546 -14.46 5.89 4.20
C PRO A 546 -14.69 7.36 4.57
N VAL A 547 -15.01 7.57 5.85
CA VAL A 547 -15.51 8.85 6.33
C VAL A 547 -14.94 9.09 7.72
N TYR A 548 -14.94 10.37 8.11
CA TYR A 548 -14.84 10.76 9.50
C TYR A 548 -16.16 10.48 10.20
N ILE A 549 -16.12 9.69 11.27
CA ILE A 549 -17.31 9.34 12.05
C ILE A 549 -17.35 10.22 13.29
N GLU A 550 -18.39 11.02 13.41
CA GLU A 550 -18.66 11.85 14.59
C GLU A 550 -19.87 11.24 15.30
N ASP A 551 -19.63 10.34 16.26
CA ASP A 551 -20.70 9.52 16.80
C ASP A 551 -21.52 10.22 17.87
N GLN A 552 -21.05 11.37 18.37
CA GLN A 552 -21.74 12.18 19.38
C GLN A 552 -22.21 11.35 20.58
N LEU A 553 -21.48 10.29 20.89
CA LEU A 553 -21.80 9.43 22.01
C LEU A 553 -21.05 9.89 23.27
N THR A 554 -21.62 9.64 24.44
CA THR A 554 -20.87 9.89 25.67
C THR A 554 -19.79 8.82 25.84
N ASP A 555 -18.77 9.15 26.66
CA ASP A 555 -17.74 8.13 26.87
C ASP A 555 -18.32 6.90 27.56
N GLU A 556 -19.35 7.08 28.41
CA GLU A 556 -19.99 5.93 29.05
C GLU A 556 -20.67 5.05 28.01
N GLU A 557 -21.28 5.67 27.00
CA GLU A 557 -21.84 4.90 25.89
C GLU A 557 -20.74 4.20 25.10
N ARG A 558 -19.63 4.90 24.84
CA ARG A 558 -18.52 4.29 24.11
C ARG A 558 -17.88 3.15 24.91
N ILE A 559 -17.74 3.32 26.23
CA ILE A 559 -17.24 2.22 27.05
C ILE A 559 -18.12 0.99 26.92
N LEU A 560 -19.45 1.19 26.91
CA LEU A 560 -20.33 0.04 26.85
C LEU A 560 -20.27 -0.64 25.49
N LEU A 561 -20.06 0.11 24.42
CA LEU A 561 -19.84 -0.53 23.14
C LEU A 561 -18.52 -1.30 23.15
N LEU A 562 -17.48 -0.69 23.73
CA LEU A 562 -16.17 -1.31 23.75
C LEU A 562 -16.21 -2.65 24.47
N LYS A 563 -17.01 -2.75 25.52
CA LYS A 563 -17.11 -4.00 26.26
C LYS A 563 -18.02 -4.99 25.55
N TYR A 564 -19.15 -4.52 25.00
CA TYR A 564 -20.26 -5.41 24.69
C TYR A 564 -20.72 -5.44 23.24
N ASP A 565 -20.29 -4.52 22.39
CA ASP A 565 -20.74 -4.54 21.01
C ASP A 565 -20.20 -5.80 20.30
N SER A 566 -20.93 -6.25 19.27
CA SER A 566 -20.54 -7.43 18.49
C SER A 566 -19.56 -7.12 17.37
N ASP A 567 -19.42 -5.87 16.97
CA ASP A 567 -18.62 -5.53 15.80
C ASP A 567 -17.23 -5.06 16.21
N ALA A 568 -16.19 -5.72 15.69
CA ALA A 568 -14.83 -5.42 16.13
C ALA A 568 -14.47 -3.98 15.83
N PHE A 569 -14.86 -3.47 14.65
CA PHE A 569 -14.46 -2.11 14.32
C PHE A 569 -15.14 -1.08 15.23
N VAL A 570 -16.42 -1.26 15.55
CA VAL A 570 -17.06 -0.22 16.36
C VAL A 570 -16.49 -0.21 17.79
N ARG A 571 -16.16 -1.38 18.33
CA ARG A 571 -15.43 -1.47 19.60
C ARG A 571 -14.11 -0.72 19.54
N TYR A 572 -13.30 -1.03 18.53
CA TYR A 572 -12.04 -0.33 18.26
C TYR A 572 -12.25 1.17 18.07
N ASN A 573 -13.27 1.56 17.29
CA ASN A 573 -13.46 2.98 17.02
C ASN A 573 -13.98 3.71 18.25
N SER A 574 -14.85 3.06 19.02
CA SER A 574 -15.31 3.62 20.29
C SER A 574 -14.14 3.88 21.24
N CYS A 575 -13.22 2.91 21.34
CA CYS A 575 -11.98 3.13 22.08
C CYS A 575 -11.18 4.29 21.49
N THR A 576 -10.96 4.26 20.16
CA THR A 576 -10.27 5.37 19.51
C THR A 576 -10.88 6.71 19.90
N ASN A 577 -12.22 6.79 19.89
CA ASN A 577 -12.89 8.06 20.16
C ASN A 577 -12.68 8.53 21.59
N ILE A 578 -12.74 7.60 22.55
CA ILE A 578 -12.45 7.96 23.94
C ILE A 578 -11.05 8.54 24.05
N TYR A 579 -10.07 7.85 23.47
CA TYR A 579 -8.71 8.38 23.46
C TYR A 579 -8.67 9.77 22.83
N MET A 580 -9.37 9.96 21.70
CA MET A 580 -9.22 11.22 20.97
C MET A 580 -9.76 12.38 21.81
N LYS A 581 -10.87 12.14 22.51
CA LYS A 581 -11.43 13.14 23.41
C LYS A 581 -10.42 13.55 24.47
N GLN A 582 -9.81 12.55 25.11
CA GLN A 582 -8.78 12.77 26.12
C GLN A 582 -7.59 13.51 25.54
N ILE A 583 -7.14 13.08 24.35
CA ILE A 583 -5.97 13.68 23.72
C ILE A 583 -6.20 15.16 23.45
N LEU A 584 -7.36 15.49 22.89
CA LEU A 584 -7.67 16.87 22.54
C LEU A 584 -7.79 17.74 23.79
N MET A 585 -8.37 17.19 24.86
CA MET A 585 -8.49 17.92 26.13
CA MET A 585 -8.48 17.95 26.11
C MET A 585 -7.11 18.20 26.75
N ASN A 586 -6.31 17.14 26.91
CA ASN A 586 -5.00 17.36 27.52
C ASN A 586 -4.09 18.20 26.63
N TYR A 587 -4.20 18.05 25.31
CA TYR A 587 -3.43 18.90 24.41
C TYR A 587 -3.72 20.37 24.67
N ASN A 588 -5.00 20.77 24.65
CA ASN A 588 -5.32 22.18 24.88
C ASN A 588 -4.89 22.64 26.27
N GLU A 589 -4.80 21.71 27.23
CA GLU A 589 -4.41 22.07 28.59
C GLU A 589 -2.91 22.30 28.67
N PHE A 590 -2.11 21.39 28.07
CA PHE A 590 -0.68 21.61 27.91
C PHE A 590 -0.40 22.86 27.07
N LEU A 591 -1.22 23.08 26.03
CA LEU A 591 -0.97 24.21 25.12
C LEU A 591 -1.20 25.54 25.82
N LYS A 592 -2.33 25.66 26.53
CA LYS A 592 -2.58 26.88 27.30
C LYS A 592 -1.46 27.13 28.31
N ALA A 593 -1.07 26.11 29.07
CA ALA A 593 -0.04 26.30 30.08
C ALA A 593 1.27 26.75 29.45
N LYS A 594 1.58 26.24 28.26
CA LYS A 594 2.76 26.70 27.53
C LYS A 594 2.57 28.12 27.02
N ASN A 595 1.42 28.40 26.40
CA ASN A 595 1.20 29.73 25.85
C ASN A 595 1.15 30.79 26.94
N GLU A 596 0.50 30.48 28.05
CA GLU A 596 0.39 31.43 29.15
C GLU A 596 1.57 31.39 30.12
N LYS A 597 2.59 30.55 29.84
CA LYS A 597 3.77 30.46 30.71
C LYS A 597 3.38 30.18 32.16
N LEU A 598 2.43 29.27 32.36
CA LEU A 598 1.92 28.99 33.70
C LEU A 598 2.99 28.34 34.58
N GLU A 599 3.03 28.73 35.84
CA GLU A 599 4.00 28.10 36.74
C GLU A 599 3.44 26.82 37.34
N SER A 600 2.11 26.71 37.41
CA SER A 600 1.44 25.48 37.75
C SER A 600 0.15 25.43 36.96
N PHE A 601 -0.44 24.25 36.87
CA PHE A 601 -1.65 24.06 36.09
C PHE A 601 -2.15 22.66 36.36
N GLN A 602 -3.34 22.37 35.84
CA GLN A 602 -3.98 21.08 36.06
C GLN A 602 -4.11 20.36 34.72
N LEU A 603 -4.14 19.03 34.79
CA LEU A 603 -4.47 18.18 33.68
C LEU A 603 -5.67 17.34 34.06
N THR A 604 -6.57 17.15 33.11
CA THR A 604 -7.74 16.33 33.35
C THR A 604 -7.32 14.86 33.26
N PRO A 605 -7.58 14.05 34.26
CA PRO A 605 -7.09 12.68 34.23
C PRO A 605 -7.87 11.86 33.21
N VAL A 606 -7.31 10.69 32.92
CA VAL A 606 -7.98 9.73 32.05
C VAL A 606 -9.16 9.14 32.81
N ASN A 607 -10.28 8.96 32.09
CA ASN A 607 -11.49 8.38 32.64
C ASN A 607 -11.22 7.05 33.34
N ALA A 608 -11.57 6.95 34.63
CA ALA A 608 -11.28 5.73 35.38
C ALA A 608 -12.11 4.54 34.88
N GLN A 609 -13.37 4.78 34.50
CA GLN A 609 -14.18 3.69 33.96
C GLN A 609 -13.61 3.16 32.65
N PHE A 610 -12.97 4.03 31.86
CA PHE A 610 -12.28 3.59 30.65
C PHE A 610 -11.12 2.66 30.98
N ILE A 611 -10.25 3.06 31.90
CA ILE A 611 -9.17 2.19 32.35
C ILE A 611 -9.72 0.87 32.87
N ASP A 612 -10.79 0.91 33.68
CA ASP A 612 -11.43 -0.31 34.16
C ASP A 612 -11.90 -1.21 33.01
N ALA A 613 -12.39 -0.61 31.92
CA ALA A 613 -12.84 -1.38 30.78
C ALA A 613 -11.68 -2.03 30.03
N ILE A 614 -10.59 -1.29 29.82
CA ILE A 614 -9.37 -1.88 29.27
C ILE A 614 -8.91 -3.08 30.10
N LYS A 615 -8.81 -2.91 31.43
CA LYS A 615 -8.42 -4.02 32.30
C LYS A 615 -9.36 -5.20 32.12
N TYR A 616 -10.67 -4.95 32.16
CA TYR A 616 -11.68 -6.00 31.90
C TYR A 616 -11.38 -6.76 30.61
N LEU A 617 -11.14 -6.05 29.51
CA LEU A 617 -10.95 -6.74 28.23
C LEU A 617 -9.61 -7.46 28.17
N LEU A 618 -8.57 -6.86 28.75
CA LEU A 618 -7.27 -7.51 28.81
C LEU A 618 -7.35 -8.80 29.61
N GLU A 619 -8.18 -8.84 30.63
CA GLU A 619 -8.29 -10.01 31.48
C GLU A 619 -9.28 -11.02 30.94
N ASP A 620 -9.97 -10.72 29.86
CA ASP A 620 -10.90 -11.67 29.26
C ASP A 620 -10.12 -12.76 28.56
N PRO A 621 -10.04 -13.98 29.11
CA PRO A 621 -9.30 -15.05 28.42
C PRO A 621 -9.82 -15.31 27.02
N HIS A 622 -11.11 -15.14 26.78
CA HIS A 622 -11.69 -15.46 25.49
C HIS A 622 -11.59 -14.32 24.48
N ALA A 623 -10.86 -13.26 24.78
CA ALA A 623 -10.80 -12.15 23.85
C ALA A 623 -9.57 -12.29 22.96
N ASP A 624 -9.54 -11.48 21.90
CA ASP A 624 -8.52 -11.59 20.87
C ASP A 624 -7.26 -10.81 21.24
N ALA A 625 -6.12 -11.51 21.21
CA ALA A 625 -4.83 -10.90 21.55
C ALA A 625 -4.51 -9.73 20.62
N GLY A 626 -4.81 -9.84 19.33
CA GLY A 626 -4.56 -8.72 18.44
C GLY A 626 -5.42 -7.51 18.76
N PHE A 627 -6.72 -7.72 19.01
CA PHE A 627 -7.59 -6.63 19.42
C PHE A 627 -7.07 -5.98 20.70
N LYS A 628 -6.65 -6.80 21.67
CA LYS A 628 -6.11 -6.26 22.91
C LYS A 628 -4.98 -5.28 22.66
N SER A 629 -4.10 -5.61 21.71
CA SER A 629 -2.94 -4.77 21.49
C SER A 629 -3.34 -3.42 20.89
N TYR A 630 -4.49 -3.38 20.20
CA TYR A 630 -5.00 -2.10 19.69
C TYR A 630 -5.58 -1.23 20.80
N ILE A 631 -6.25 -1.83 21.79
CA ILE A 631 -6.89 -1.00 22.82
C ILE A 631 -5.88 -0.39 23.78
N VAL A 632 -4.68 -0.97 23.94
CA VAL A 632 -3.67 -0.36 24.81
C VAL A 632 -2.80 0.66 24.09
N SER A 633 -3.07 0.93 22.82
CA SER A 633 -2.27 1.83 22.01
C SER A 633 -3.07 3.09 21.70
N LEU A 634 -2.48 4.25 21.96
CA LEU A 634 -3.11 5.50 21.56
C LEU A 634 -3.20 5.56 20.03
N PRO A 635 -4.14 6.33 19.49
CA PRO A 635 -4.22 6.50 18.03
C PRO A 635 -2.90 6.97 17.44
N GLN A 636 -2.70 6.60 16.18
CA GLN A 636 -1.52 7.03 15.45
C GLN A 636 -1.46 8.54 15.38
N ASP A 637 -0.22 9.06 15.42
CA ASP A 637 0.04 10.48 15.34
C ASP A 637 -0.56 11.08 14.08
N ARG A 638 -0.48 10.38 12.95
CA ARG A 638 -1.03 10.93 11.71
C ARG A 638 -2.54 10.81 11.62
N TYR A 639 -3.17 10.03 12.49
CA TYR A 639 -4.61 10.12 12.67
C TYR A 639 -4.97 11.34 13.52
N ILE A 640 -4.23 11.56 14.61
CA ILE A 640 -4.49 12.66 15.55
C ILE A 640 -4.40 14.00 14.84
N ILE A 641 -3.43 14.15 13.94
CA ILE A 641 -3.16 15.43 13.30
C ILE A 641 -4.36 15.92 12.48
N ASN A 642 -5.21 15.01 12.01
CA ASN A 642 -6.41 15.45 11.30
C ASN A 642 -7.35 16.26 12.18
N PHE A 643 -7.15 16.28 13.51
CA PHE A 643 -8.09 16.90 14.42
C PHE A 643 -7.53 18.10 15.18
N VAL A 644 -6.33 18.56 14.87
CA VAL A 644 -5.68 19.67 15.58
C VAL A 644 -5.11 20.65 14.56
N SER A 645 -5.51 21.91 14.66
CA SER A 645 -4.90 22.94 13.85
C SER A 645 -3.57 23.38 14.47
N ASN A 646 -2.61 23.73 13.63
CA ASN A 646 -1.31 24.25 14.08
C ASN A 646 -0.71 23.34 15.16
N LEU A 647 -0.67 22.05 14.87
CA LEU A 647 -0.25 21.10 15.88
C LEU A 647 1.20 21.32 16.28
N ASP A 648 1.40 21.54 17.58
CA ASP A 648 2.69 21.61 18.23
C ASP A 648 3.07 20.19 18.63
N THR A 649 4.09 19.64 17.98
CA THR A 649 4.42 18.22 18.18
C THR A 649 4.99 17.94 19.56
N ASP A 650 5.66 18.92 20.19
CA ASP A 650 6.13 18.75 21.57
C ASP A 650 4.96 18.63 22.53
N VAL A 651 3.95 19.50 22.36
CA VAL A 651 2.76 19.43 23.19
C VAL A 651 2.01 18.12 22.93
N LEU A 652 2.03 17.63 21.70
CA LEU A 652 1.42 16.33 21.46
C LEU A 652 2.23 15.23 22.13
N ALA A 653 3.57 15.30 22.02
CA ALA A 653 4.40 14.33 22.72
C ALA A 653 4.11 14.34 24.23
N ASP A 654 4.00 15.53 24.83
CA ASP A 654 3.69 15.62 26.25
C ASP A 654 2.30 15.07 26.55
N THR A 655 1.34 15.31 25.65
CA THR A 655 -0.01 14.80 25.85
C THR A 655 -0.04 13.28 25.84
N LYS A 656 0.53 12.66 24.81
CA LYS A 656 0.59 11.20 24.74
C LYS A 656 1.30 10.60 25.95
N GLU A 657 2.39 11.26 26.39
CA GLU A 657 3.17 10.77 27.52
C GLU A 657 2.32 10.72 28.79
N TYR A 658 1.63 11.83 29.08
CA TYR A 658 0.75 11.92 30.25
C TYR A 658 -0.31 10.81 30.20
N ILE A 659 -0.96 10.64 29.04
CA ILE A 659 -2.04 9.67 28.97
C ILE A 659 -1.53 8.26 29.14
N TYR A 660 -0.41 7.91 28.47
CA TYR A 660 0.19 6.60 28.66
C TYR A 660 0.57 6.38 30.12
N LYS A 661 1.08 7.43 30.79
CA LYS A 661 1.52 7.27 32.17
C LYS A 661 0.33 7.05 33.10
N GLN A 662 -0.74 7.83 32.89
CA GLN A 662 -1.98 7.65 33.65
C GLN A 662 -2.47 6.20 33.61
N ILE A 663 -2.48 5.58 32.42
CA ILE A 663 -3.00 4.22 32.30
C ILE A 663 -2.01 3.21 32.85
N GLY A 664 -0.71 3.41 32.58
CA GLY A 664 0.30 2.52 33.15
C GLY A 664 0.29 2.54 34.66
N ASP A 665 0.06 3.71 35.25
CA ASP A 665 0.04 3.81 36.70
C ASP A 665 -1.08 2.97 37.32
N LYS A 666 -2.14 2.67 36.56
CA LYS A 666 -3.18 1.77 37.05
C LYS A 666 -2.98 0.32 36.60
N LEU A 667 -2.42 0.08 35.40
CA LEU A 667 -2.50 -1.24 34.78
C LEU A 667 -1.16 -1.96 34.54
N ASN A 668 -0.03 -1.38 34.92
CA ASN A 668 1.27 -2.00 34.64
C ASN A 668 1.38 -3.40 35.26
N ASP A 669 0.81 -3.61 36.45
CA ASP A 669 0.86 -4.94 37.06
C ASP A 669 0.05 -5.93 36.23
N VAL A 670 -1.07 -5.49 35.68
CA VAL A 670 -1.82 -6.34 34.75
C VAL A 670 -0.99 -6.61 33.49
N TYR A 671 -0.39 -5.56 32.94
CA TYR A 671 0.45 -5.71 31.75
C TYR A 671 1.55 -6.74 31.98
N TYR A 672 2.15 -6.71 33.17
CA TYR A 672 3.26 -7.62 33.48
C TYR A 672 2.76 -9.05 33.63
N LYS A 673 1.67 -9.23 34.37
CA LYS A 673 1.08 -10.56 34.54
C LYS A 673 0.80 -11.20 33.17
N MET A 674 0.14 -10.45 32.29
CA MET A 674 -0.19 -10.99 30.98
C MET A 674 1.06 -11.27 30.16
N PHE A 675 2.00 -10.34 30.16
CA PHE A 675 3.23 -10.55 29.40
C PHE A 675 3.88 -11.90 29.75
N LYS A 676 3.81 -12.28 31.04
CA LYS A 676 4.37 -13.56 31.48
C LYS A 676 3.47 -14.74 31.14
N SER A 677 2.15 -14.60 31.34
CA SER A 677 1.26 -15.72 31.07
C SER A 677 1.12 -15.99 29.58
N LEU A 678 1.40 -15.00 28.73
CA LEU A 678 1.34 -15.18 27.30
C LEU A 678 2.58 -15.88 26.71
N GLU A 679 3.68 -16.01 27.46
CA GLU A 679 4.93 -16.48 26.87
C GLU A 679 4.79 -17.85 26.23
N ALA A 680 4.15 -18.80 26.94
CA ALA A 680 4.08 -20.19 26.46
C ALA A 680 3.48 -20.28 25.06
N LYS A 681 2.31 -19.66 24.87
CA LYS A 681 1.62 -19.83 23.59
C LYS A 681 2.20 -18.91 22.53
N ALA A 682 2.66 -17.72 22.92
CA ALA A 682 3.17 -16.78 21.94
C ALA A 682 4.49 -17.26 21.33
N ASP A 683 5.38 -17.85 22.12
CA ASP A 683 6.71 -18.20 21.64
C ASP A 683 6.86 -19.69 21.39
N ASP A 684 5.74 -20.42 21.34
CA ASP A 684 5.74 -21.85 21.03
C ASP A 684 6.55 -22.15 19.77
N LEU A 685 7.48 -23.08 19.90
CA LEU A 685 8.46 -23.43 18.88
C LEU A 685 8.09 -24.70 18.13
N THR A 686 6.90 -25.26 18.39
CA THR A 686 6.54 -26.56 17.83
C THR A 686 6.71 -26.61 16.32
N TYR A 687 6.36 -25.52 15.64
CA TYR A 687 6.42 -25.47 14.18
C TYR A 687 7.48 -24.49 13.68
N PHE A 688 8.49 -24.19 14.51
CA PHE A 688 9.53 -23.25 14.12
C PHE A 688 10.26 -23.70 12.86
N ASN A 689 10.34 -25.00 12.63
CA ASN A 689 11.01 -25.51 11.44
C ASN A 689 10.05 -26.06 10.41
N ASP A 690 8.78 -25.66 10.45
CA ASP A 690 7.82 -25.92 9.38
C ASP A 690 7.42 -24.58 8.78
N GLU A 691 7.92 -24.29 7.57
CA GLU A 691 7.56 -23.07 6.86
C GLU A 691 6.17 -23.13 6.21
N SER A 692 5.44 -24.23 6.33
CA SER A 692 4.06 -24.25 5.85
C SER A 692 3.08 -23.93 6.97
N HIS A 693 3.55 -23.89 8.21
CA HIS A 693 2.70 -23.70 9.37
C HIS A 693 2.73 -22.23 9.81
N VAL A 694 1.66 -21.51 9.53
CA VAL A 694 1.62 -20.08 9.84
C VAL A 694 0.38 -19.82 10.67
N ASP A 695 0.56 -19.22 11.84
CA ASP A 695 -0.48 -19.08 12.85
C ASP A 695 -0.61 -17.60 13.19
N PHE A 696 -1.62 -16.97 12.59
CA PHE A 696 -1.82 -15.53 12.76
C PHE A 696 -2.29 -15.16 14.17
N ASP A 697 -3.05 -16.04 14.83
CA ASP A 697 -3.37 -15.79 16.24
CA ASP A 697 -3.37 -15.79 16.24
C ASP A 697 -2.11 -15.79 17.09
N GLN A 698 -1.22 -16.77 16.87
CA GLN A 698 0.00 -16.84 17.66
C GLN A 698 0.84 -15.58 17.42
N MET A 699 0.90 -15.14 16.16
CA MET A 699 1.70 -13.95 15.86
C MET A 699 1.11 -12.71 16.54
N ASN A 700 -0.23 -12.62 16.61
CA ASN A 700 -0.89 -11.55 17.37
C ASN A 700 -0.59 -11.62 18.87
N MET A 701 -0.45 -12.83 19.41
CA MET A 701 -0.05 -12.98 20.79
C MET A 701 1.33 -12.40 21.04
N ARG A 702 2.24 -12.59 20.07
CA ARG A 702 3.57 -11.98 20.16
C ARG A 702 3.47 -10.46 20.05
N THR A 703 2.60 -9.97 19.16
CA THR A 703 2.38 -8.53 19.05
C THR A 703 1.90 -7.97 20.39
N LEU A 704 0.97 -8.66 21.03
CA LEU A 704 0.49 -8.20 22.32
C LEU A 704 1.62 -8.22 23.35
N ARG A 705 2.42 -9.29 23.38
CA ARG A 705 3.54 -9.31 24.32
C ARG A 705 4.51 -8.17 24.03
N ASN A 706 4.78 -7.92 22.76
CA ASN A 706 5.77 -6.91 22.43
C ASN A 706 5.25 -5.50 22.63
N THR A 707 3.93 -5.32 22.57
CA THR A 707 3.32 -4.03 22.91
C THR A 707 3.37 -3.79 24.42
N LEU A 708 3.00 -4.81 25.21
CA LEU A 708 3.09 -4.71 26.66
C LEU A 708 4.53 -4.49 27.10
N LEU A 709 5.48 -5.20 26.50
CA LEU A 709 6.88 -5.03 26.87
C LEU A 709 7.31 -3.59 26.65
N SER A 710 6.88 -3.00 25.55
CA SER A 710 7.23 -1.61 25.26
C SER A 710 6.62 -0.67 26.32
N LEU A 711 5.36 -0.89 26.69
CA LEU A 711 4.73 -0.05 27.70
C LEU A 711 5.44 -0.19 29.05
N LEU A 712 5.73 -1.44 29.45
CA LEU A 712 6.39 -1.67 30.72
C LEU A 712 7.80 -1.09 30.73
N SER A 713 8.49 -1.13 29.59
CA SER A 713 9.83 -0.58 29.51
C SER A 713 9.79 0.95 29.60
N LYS A 714 8.98 1.59 28.76
CA LYS A 714 8.86 3.04 28.86
C LYS A 714 8.49 3.45 30.29
N ALA A 715 7.64 2.67 30.95
CA ALA A 715 7.26 3.01 32.32
C ALA A 715 8.37 2.70 33.33
N GLN A 716 9.46 2.04 32.93
CA GLN A 716 10.55 1.70 33.84
C GLN A 716 10.05 0.79 34.97
N TYR A 717 9.24 -0.20 34.60
CA TYR A 717 8.65 -1.11 35.58
C TYR A 717 9.76 -1.87 36.29
N PRO A 718 9.62 -2.12 37.62
CA PRO A 718 10.72 -2.72 38.40
C PRO A 718 11.30 -3.98 37.79
N ASN A 719 12.59 -3.93 37.48
CA ASN A 719 13.39 -5.06 37.01
C ASN A 719 12.98 -5.52 35.61
N ILE A 720 12.26 -4.71 34.83
CA ILE A 720 11.86 -5.10 33.49
C ILE A 720 13.05 -5.36 32.58
N LEU A 721 14.24 -4.88 32.94
CA LEU A 721 15.42 -5.09 32.11
C LEU A 721 15.82 -6.57 32.09
N ASN A 722 15.63 -7.29 33.19
CA ASN A 722 15.71 -8.75 33.16
C ASN A 722 14.82 -9.34 32.07
N GLU A 723 13.56 -8.90 31.99
CA GLU A 723 12.67 -9.44 30.97
C GLU A 723 13.16 -9.08 29.58
N ILE A 724 13.72 -7.88 29.43
CA ILE A 724 14.23 -7.43 28.14
C ILE A 724 15.40 -8.30 27.70
N ILE A 725 16.33 -8.59 28.61
CA ILE A 725 17.48 -9.41 28.26
C ILE A 725 17.06 -10.83 27.90
N GLU A 726 16.13 -11.40 28.67
CA GLU A 726 15.67 -12.75 28.37
C GLU A 726 14.96 -12.80 27.02
N HIS A 727 14.25 -11.73 26.65
CA HIS A 727 13.56 -11.63 25.37
C HIS A 727 14.55 -11.62 24.20
N SER A 728 15.67 -10.93 24.37
CA SER A 728 16.73 -10.90 23.36
C SER A 728 17.24 -12.28 22.97
N LYS A 729 17.07 -13.28 23.85
CA LYS A 729 17.48 -14.66 23.61
C LYS A 729 16.44 -15.47 22.84
N SER A 730 15.31 -14.87 22.50
CA SER A 730 14.24 -15.60 21.83
C SER A 730 14.65 -15.94 20.39
N PRO A 731 14.21 -17.09 19.87
CA PRO A 731 14.52 -17.42 18.47
C PRO A 731 13.78 -16.56 17.44
N TYR A 732 12.66 -15.95 17.82
CA TYR A 732 11.87 -15.16 16.87
C TYR A 732 12.41 -13.75 16.73
N PRO A 733 12.72 -13.29 15.51
CA PRO A 733 13.23 -11.92 15.35
C PRO A 733 12.27 -10.83 15.82
N SER A 734 10.94 -11.00 15.70
CA SER A 734 10.03 -10.01 16.28
C SER A 734 10.34 -9.81 17.76
N ASN A 735 10.66 -10.90 18.48
CA ASN A 735 11.01 -10.77 19.88
C ASN A 735 12.37 -10.13 20.06
N TRP A 736 13.40 -10.63 19.37
CA TRP A 736 14.70 -10.07 19.72
C TRP A 736 14.93 -8.70 19.11
N LEU A 737 14.28 -8.35 18.00
CA LEU A 737 14.36 -6.96 17.55
C LEU A 737 13.54 -6.05 18.46
N THR A 738 12.39 -6.54 18.96
CA THR A 738 11.72 -5.81 20.02
C THR A 738 12.64 -5.57 21.20
N SER A 739 13.50 -6.55 21.55
CA SER A 739 14.30 -6.31 22.74
C SER A 739 15.26 -5.15 22.50
N LEU A 740 15.72 -4.98 21.26
CA LEU A 740 16.59 -3.85 20.95
C LEU A 740 15.87 -2.52 21.14
N SER A 741 14.68 -2.34 20.54
CA SER A 741 14.03 -1.05 20.63
C SER A 741 13.64 -0.72 22.07
N VAL A 742 13.02 -1.66 22.78
CA VAL A 742 12.60 -1.30 24.14
C VAL A 742 13.80 -1.16 25.07
N SER A 743 14.98 -1.68 24.72
CA SER A 743 16.14 -1.44 25.57
C SER A 743 16.72 -0.04 25.40
N ALA A 744 16.14 0.78 24.51
CA ALA A 744 16.57 2.17 24.37
C ALA A 744 16.56 2.91 25.71
N TYR A 745 15.61 2.60 26.58
CA TYR A 745 15.47 3.28 27.85
C TYR A 745 16.51 2.86 28.88
N PHE A 746 17.49 2.05 28.51
CA PHE A 746 18.36 1.41 29.49
C PHE A 746 19.82 1.50 29.03
N ASP A 747 20.72 1.28 29.98
CA ASP A 747 22.14 1.37 29.64
C ASP A 747 22.63 0.21 28.78
N LYS A 748 21.86 -0.87 28.66
CA LYS A 748 22.24 -2.01 27.86
C LYS A 748 21.83 -1.89 26.39
N TYR A 749 21.34 -0.72 25.95
CA TYR A 749 20.93 -0.53 24.57
C TYR A 749 22.05 -0.91 23.61
N PHE A 750 23.22 -0.28 23.75
CA PHE A 750 24.27 -0.54 22.78
C PHE A 750 24.84 -1.94 22.90
N GLU A 751 24.70 -2.61 24.05
CA GLU A 751 25.02 -4.03 24.09
C GLU A 751 24.04 -4.84 23.25
N LEU A 752 22.75 -4.51 23.31
CA LEU A 752 21.79 -5.22 22.46
C LEU A 752 21.85 -4.75 21.00
N TYR A 753 22.36 -3.54 20.75
CA TYR A 753 22.62 -3.10 19.39
C TYR A 753 23.60 -4.04 18.69
N ASP A 754 24.74 -4.28 19.32
CA ASP A 754 25.75 -5.17 18.76
C ASP A 754 25.26 -6.62 18.70
N LYS A 755 24.59 -7.08 19.75
CA LYS A 755 24.08 -8.46 19.74
C LYS A 755 23.18 -8.69 18.55
N THR A 756 22.20 -7.79 18.34
CA THR A 756 21.22 -8.01 17.28
C THR A 756 21.81 -7.75 15.90
N TYR A 757 22.80 -6.85 15.79
CA TYR A 757 23.46 -6.65 14.51
C TYR A 757 24.15 -7.93 14.05
N LYS A 758 24.87 -8.57 14.96
CA LYS A 758 25.55 -9.82 14.66
C LYS A 758 24.57 -10.90 14.25
N LEU A 759 23.38 -10.91 14.85
CA LEU A 759 22.34 -11.84 14.43
C LEU A 759 21.70 -11.44 13.10
N SER A 760 21.80 -10.17 12.70
CA SER A 760 21.07 -9.69 11.52
C SER A 760 21.92 -9.51 10.26
N LYS A 761 23.25 -9.45 10.39
CA LYS A 761 24.07 -8.92 9.30
C LYS A 761 24.25 -9.89 8.13
N ASP A 762 24.01 -11.19 8.32
CA ASP A 762 24.26 -12.20 7.29
C ASP A 762 23.03 -12.50 6.46
N ASP A 763 21.87 -11.92 6.79
CA ASP A 763 20.68 -12.06 5.95
C ASP A 763 20.33 -10.65 5.47
N GLU A 764 20.25 -10.49 4.15
CA GLU A 764 20.02 -9.16 3.58
C GLU A 764 18.74 -8.53 4.12
N LEU A 765 17.67 -9.31 4.17
CA LEU A 765 16.38 -8.76 4.61
C LEU A 765 16.35 -8.56 6.12
N LEU A 766 16.97 -9.47 6.87
CA LEU A 766 16.98 -9.32 8.31
C LEU A 766 17.78 -8.10 8.73
N LEU A 767 18.89 -7.83 8.03
CA LEU A 767 19.63 -6.59 8.29
C LEU A 767 18.76 -5.36 8.08
N GLN A 768 17.89 -5.37 7.07
CA GLN A 768 17.06 -4.19 6.84
C GLN A 768 16.05 -4.00 7.97
N GLU A 769 15.47 -5.09 8.47
CA GLU A 769 14.62 -4.98 9.66
C GLU A 769 15.40 -4.44 10.86
N TRP A 770 16.67 -4.83 11.01
CA TRP A 770 17.50 -4.29 12.07
C TRP A 770 17.68 -2.79 11.91
N LEU A 771 18.05 -2.36 10.69
CA LEU A 771 18.10 -0.93 10.38
C LEU A 771 16.84 -0.19 10.81
N LYS A 772 15.66 -0.71 10.42
CA LYS A 772 14.40 -0.11 10.83
C LYS A 772 14.26 -0.02 12.34
N THR A 773 14.65 -1.09 13.07
CA THR A 773 14.54 -1.11 14.53
C THR A 773 15.43 -0.05 15.17
N VAL A 774 16.70 0.01 14.74
CA VAL A 774 17.58 1.11 15.17
C VAL A 774 16.96 2.46 14.82
N SER A 775 16.50 2.61 13.57
CA SER A 775 15.94 3.88 13.12
C SER A 775 14.79 4.34 14.00
N ARG A 776 13.92 3.42 14.41
CA ARG A 776 12.77 3.83 15.21
C ARG A 776 13.05 3.81 16.72
N SER A 777 14.28 3.53 17.15
CA SER A 777 14.58 3.47 18.58
C SER A 777 14.39 4.84 19.24
N ASP A 778 13.65 4.85 20.34
CA ASP A 778 13.37 6.10 21.06
C ASP A 778 14.62 6.52 21.84
N ARG A 779 15.58 7.10 21.12
CA ARG A 779 16.89 7.43 21.68
C ARG A 779 17.14 8.94 21.67
N LYS A 780 17.66 9.45 22.80
CA LYS A 780 18.08 10.84 22.82
C LYS A 780 19.25 11.10 21.88
N ASP A 781 20.15 10.13 21.72
CA ASP A 781 21.26 10.27 20.77
C ASP A 781 20.91 9.75 19.39
N ILE A 782 19.64 9.84 18.97
CA ILE A 782 19.24 9.19 17.73
C ILE A 782 19.92 9.82 16.51
N TYR A 783 20.25 11.12 16.55
CA TYR A 783 20.94 11.69 15.40
C TYR A 783 22.35 11.15 15.27
N GLU A 784 23.07 10.97 16.39
CA GLU A 784 24.39 10.35 16.32
C GLU A 784 24.30 8.88 15.91
N ILE A 785 23.25 8.17 16.32
CA ILE A 785 23.09 6.78 15.92
C ILE A 785 22.79 6.65 14.43
N LEU A 786 22.03 7.59 13.84
CA LEU A 786 21.83 7.57 12.39
C LEU A 786 23.14 7.81 11.65
N LYS A 787 23.99 8.70 12.18
CA LYS A 787 25.28 8.93 11.55
C LYS A 787 26.16 7.70 11.58
N LYS A 788 26.01 6.88 12.63
CA LYS A 788 26.76 5.64 12.70
C LYS A 788 26.24 4.62 11.68
N LEU A 789 24.91 4.53 11.54
CA LEU A 789 24.33 3.71 10.48
C LEU A 789 24.87 4.10 9.11
N GLU A 790 24.88 5.40 8.82
CA GLU A 790 25.36 5.91 7.54
C GLU A 790 26.79 5.46 7.27
N ASN A 791 27.65 5.56 8.29
CA ASN A 791 29.07 5.32 8.09
C ASN A 791 29.44 3.85 8.17
N GLU A 792 28.76 3.08 9.00
CA GLU A 792 29.18 1.70 9.22
C GLU A 792 28.35 0.68 8.44
N VAL A 793 27.13 1.00 8.02
CA VAL A 793 26.24 -0.01 7.46
C VAL A 793 25.68 0.42 6.11
N LEU A 794 25.00 1.58 6.07
CA LEU A 794 24.33 2.01 4.85
C LEU A 794 25.33 2.45 3.79
N LYS A 795 26.33 3.25 4.16
CA LYS A 795 27.30 3.79 3.21
C LYS A 795 26.63 4.34 1.96
N ASP A 796 27.14 4.01 0.78
CA ASP A 796 26.60 4.57 -0.47
C ASP A 796 25.61 3.63 -1.17
N SER A 797 24.95 2.76 -0.41
CA SER A 797 23.95 1.87 -1.00
C SER A 797 22.89 2.65 -1.74
N LYS A 798 22.56 2.18 -2.95
CA LYS A 798 21.43 2.67 -3.72
C LYS A 798 20.23 1.75 -3.62
N ASN A 799 20.28 0.75 -2.74
CA ASN A 799 19.16 -0.18 -2.60
C ASN A 799 18.02 0.54 -1.90
N PRO A 800 16.86 0.70 -2.55
CA PRO A 800 15.76 1.44 -1.90
C PRO A 800 15.36 0.87 -0.55
N ASN A 801 15.43 -0.45 -0.38
CA ASN A 801 15.12 -1.03 0.92
C ASN A 801 16.06 -0.51 2.01
N ASP A 802 17.35 -0.35 1.69
CA ASP A 802 18.32 0.11 2.67
C ASP A 802 18.03 1.55 3.07
N ILE A 803 17.86 2.43 2.08
CA ILE A 803 17.63 3.85 2.34
C ILE A 803 16.33 4.06 3.10
N ARG A 804 15.24 3.43 2.62
CA ARG A 804 13.96 3.59 3.33
C ARG A 804 14.04 3.05 4.75
N ALA A 805 14.85 2.00 4.98
CA ALA A 805 14.93 1.42 6.31
C ALA A 805 15.67 2.35 7.28
N VAL A 806 16.70 3.06 6.81
CA VAL A 806 17.48 3.91 7.71
C VAL A 806 16.67 5.13 8.12
N TYR A 807 15.91 5.71 7.20
CA TYR A 807 15.42 7.07 7.38
C TYR A 807 13.93 7.19 7.69
N LEU A 808 13.08 6.32 7.13
CA LEU A 808 11.64 6.61 7.26
C LEU A 808 11.12 6.30 8.66
N PRO A 809 11.51 5.19 9.32
CA PRO A 809 11.01 4.98 10.68
C PRO A 809 11.37 6.13 11.62
N PHE A 810 12.60 6.63 11.48
CA PHE A 810 13.05 7.81 12.21
C PHE A 810 12.07 8.97 12.08
N THR A 811 11.52 9.18 10.88
CA THR A 811 10.60 10.31 10.68
C THR A 811 9.32 10.20 11.49
N ASN A 812 9.02 9.04 12.06
CA ASN A 812 7.89 8.95 12.98
C ASN A 812 8.26 9.27 14.43
N ASN A 813 9.49 9.68 14.69
CA ASN A 813 9.92 9.98 16.05
C ASN A 813 9.43 11.39 16.40
N LEU A 814 8.32 11.47 17.15
CA LEU A 814 7.60 12.73 17.29
C LEU A 814 8.45 13.83 17.89
N ARG A 815 9.16 13.55 19.01
CA ARG A 815 9.97 14.61 19.62
C ARG A 815 11.22 14.91 18.81
N ARG A 816 11.86 13.89 18.25
CA ARG A 816 13.19 14.13 17.73
C ARG A 816 13.19 14.52 16.24
N PHE A 817 12.41 13.82 15.41
CA PHE A 817 12.36 14.20 13.99
C PHE A 817 11.85 15.62 13.82
N HIS A 818 10.91 16.04 14.68
CA HIS A 818 10.38 17.40 14.64
C HIS A 818 11.11 18.35 15.58
N ASP A 819 12.37 18.06 15.91
CA ASP A 819 13.22 18.95 16.70
C ASP A 819 13.16 20.37 16.15
N ILE A 820 12.90 21.34 17.03
CA ILE A 820 12.57 22.70 16.62
C ILE A 820 13.71 23.37 15.87
N SER A 821 14.91 22.79 15.87
CA SER A 821 15.98 23.36 15.06
C SER A 821 15.77 23.14 13.57
N GLY A 822 14.91 22.21 13.18
CA GLY A 822 14.81 21.82 11.80
C GLY A 822 15.83 20.79 11.35
N LYS A 823 16.72 20.35 12.25
CA LYS A 823 17.79 19.42 11.90
C LYS A 823 17.23 18.13 11.30
N GLY A 824 16.03 17.74 11.71
CA GLY A 824 15.37 16.56 11.18
C GLY A 824 14.87 16.75 9.77
N TYR A 825 14.21 17.90 9.54
CA TYR A 825 13.76 18.25 8.18
C TYR A 825 14.95 18.41 7.25
N LYS A 826 16.04 18.97 7.76
CA LYS A 826 17.25 19.15 6.94
C LYS A 826 17.90 17.81 6.60
N LEU A 827 17.89 16.88 7.54
CA LEU A 827 18.50 15.58 7.31
C LEU A 827 17.77 14.80 6.22
N ILE A 828 16.43 14.76 6.28
CA ILE A 828 15.66 14.03 5.28
C ILE A 828 15.71 14.74 3.94
N ALA A 829 15.66 16.08 3.94
CA ALA A 829 15.79 16.81 2.69
C ALA A 829 17.10 16.48 1.98
N GLU A 830 18.21 16.43 2.74
CA GLU A 830 19.48 16.03 2.13
C GLU A 830 19.39 14.64 1.52
N VAL A 831 18.73 13.71 2.22
CA VAL A 831 18.58 12.36 1.70
C VAL A 831 17.71 12.33 0.46
N ILE A 832 16.63 13.12 0.43
CA ILE A 832 15.75 13.15 -0.73
C ILE A 832 16.50 13.67 -1.94
N THR A 833 17.25 14.75 -1.76
CA THR A 833 18.00 15.35 -2.86
C THR A 833 19.12 14.42 -3.35
N LYS A 834 19.82 13.77 -2.43
CA LYS A 834 20.85 12.80 -2.81
C LYS A 834 20.26 11.64 -3.59
N THR A 835 19.12 11.12 -3.12
CA THR A 835 18.48 9.97 -3.76
C THR A 835 17.85 10.35 -5.09
N ASP A 836 17.34 11.58 -5.20
CA ASP A 836 16.72 12.02 -6.45
C ASP A 836 17.68 11.99 -7.63
N LYS A 837 18.99 12.01 -7.40
N LYS A 837 18.99 12.00 -7.39
CA LYS A 837 19.94 11.99 -8.51
CA LYS A 837 19.94 11.98 -8.49
C LYS A 837 20.00 10.64 -9.21
C LYS A 837 19.97 10.64 -9.21
N PHE A 838 19.56 9.55 -8.55
CA PHE A 838 19.56 8.25 -9.19
C PHE A 838 18.22 7.52 -9.15
N ASN A 839 17.33 7.82 -8.22
CA ASN A 839 16.04 7.15 -8.18
C ASN A 839 14.95 8.15 -7.84
N PRO A 840 14.37 8.82 -8.84
CA PRO A 840 13.35 9.85 -8.55
C PRO A 840 12.11 9.32 -7.84
N MET A 841 11.64 8.11 -8.17
CA MET A 841 10.46 7.57 -7.51
C MET A 841 10.70 7.39 -6.01
N VAL A 842 11.85 6.82 -5.64
CA VAL A 842 12.13 6.63 -4.21
C VAL A 842 12.39 7.98 -3.52
N ALA A 843 13.01 8.93 -4.23
CA ALA A 843 13.13 10.28 -3.68
C ALA A 843 11.76 10.80 -3.26
N THR A 844 10.76 10.62 -4.13
CA THR A 844 9.40 11.09 -3.84
C THR A 844 8.81 10.34 -2.66
N GLN A 845 9.09 9.03 -2.55
CA GLN A 845 8.64 8.29 -1.37
C GLN A 845 9.23 8.89 -0.09
N LEU A 846 10.47 9.36 -0.15
CA LEU A 846 11.11 9.88 1.06
C LEU A 846 10.58 11.23 1.48
N CYS A 847 9.81 11.89 0.63
CA CYS A 847 9.10 13.12 1.03
C CYS A 847 7.90 12.86 1.93
N GLU A 848 7.55 11.59 2.20
CA GLU A 848 6.33 11.32 2.95
C GLU A 848 6.17 12.16 4.22
N PRO A 849 7.19 12.38 5.06
CA PRO A 849 6.97 13.18 6.29
C PRO A 849 6.49 14.60 6.04
N PHE A 850 6.90 15.20 4.91
CA PHE A 850 6.50 16.57 4.62
C PHE A 850 5.01 16.71 4.26
N LYS A 851 4.27 15.63 4.06
CA LYS A 851 2.90 15.77 3.57
C LYS A 851 2.01 16.54 4.55
N LEU A 852 2.33 16.53 5.85
CA LEU A 852 1.51 17.22 6.82
C LEU A 852 2.04 18.62 7.13
N TRP A 853 2.92 19.16 6.29
CA TRP A 853 3.69 20.34 6.67
C TRP A 853 2.80 21.50 7.09
N ASN A 854 1.66 21.70 6.42
CA ASN A 854 0.83 22.86 6.72
C ASN A 854 -0.14 22.62 7.86
N LYS A 855 -0.08 21.45 8.49
CA LYS A 855 -0.89 21.16 9.68
C LYS A 855 -0.16 21.44 10.99
N LEU A 856 1.12 21.82 10.96
CA LEU A 856 1.93 21.97 12.15
C LEU A 856 1.88 23.40 12.68
N ASP A 857 2.52 23.60 13.84
CA ASP A 857 2.67 24.94 14.39
C ASP A 857 3.45 25.80 13.40
N THR A 858 3.21 27.12 13.47
CA THR A 858 3.71 28.02 12.42
C THR A 858 5.23 27.95 12.29
N LYS A 859 5.95 27.70 13.38
CA LYS A 859 7.40 27.61 13.27
C LYS A 859 7.82 26.39 12.45
N ARG A 860 7.23 25.23 12.73
CA ARG A 860 7.61 24.02 12.02
C ARG A 860 7.12 24.04 10.58
N GLN A 861 5.94 24.63 10.33
CA GLN A 861 5.52 24.89 8.96
C GLN A 861 6.62 25.59 8.19
N GLU A 862 7.17 26.64 8.77
CA GLU A 862 8.20 27.43 8.11
C GLU A 862 9.49 26.65 7.90
N LEU A 863 9.90 25.86 8.91
CA LEU A 863 11.07 25.01 8.75
C LEU A 863 10.90 24.04 7.58
N MET A 864 9.77 23.32 7.53
CA MET A 864 9.56 22.32 6.47
C MET A 864 9.45 22.97 5.10
N LEU A 865 8.71 24.07 4.99
CA LEU A 865 8.60 24.80 3.74
C LEU A 865 9.97 25.26 3.24
N ASN A 866 10.82 25.77 4.14
CA ASN A 866 12.16 26.17 3.75
CA ASN A 866 12.17 26.17 3.76
C ASN A 866 12.92 25.01 3.11
N GLU A 867 12.79 23.81 3.66
CA GLU A 867 13.52 22.67 3.12
C GLU A 867 12.96 22.24 1.77
N MET A 868 11.62 22.21 1.62
CA MET A 868 11.05 21.90 0.30
C MET A 868 11.39 22.96 -0.74
N ASN A 869 11.50 24.22 -0.33
CA ASN A 869 11.93 25.23 -1.28
C ASN A 869 13.40 25.07 -1.65
N THR A 870 14.22 24.57 -0.71
CA THR A 870 15.62 24.26 -1.06
C THR A 870 15.70 23.08 -2.02
N MET A 871 14.96 22.00 -1.76
CA MET A 871 14.98 20.91 -2.74
C MET A 871 14.41 21.36 -4.08
N LEU A 872 13.40 22.23 -4.09
CA LEU A 872 12.84 22.68 -5.36
C LEU A 872 13.84 23.47 -6.19
N GLN A 873 14.83 24.07 -5.55
CA GLN A 873 15.80 24.94 -6.20
C GLN A 873 17.00 24.18 -6.72
N GLU A 874 17.08 22.87 -6.51
CA GLU A 874 18.23 22.10 -6.96
C GLU A 874 18.23 22.04 -8.48
N PRO A 875 19.28 22.49 -9.14
CA PRO A 875 19.24 22.63 -10.60
C PRO A 875 18.99 21.33 -11.32
N GLN A 876 19.28 20.18 -10.71
CA GLN A 876 19.15 18.91 -11.40
C GLN A 876 17.91 18.14 -10.94
N ILE A 877 16.89 18.83 -10.42
CA ILE A 877 15.74 18.14 -9.84
C ILE A 877 15.03 17.31 -10.90
N SER A 878 14.61 16.11 -10.51
CA SER A 878 13.80 15.27 -11.38
C SER A 878 12.44 15.89 -11.64
N ASN A 879 11.81 15.52 -12.76
CA ASN A 879 10.42 15.92 -12.97
C ASN A 879 9.53 15.35 -11.87
N ASN A 880 9.72 14.08 -11.51
CA ASN A 880 8.91 13.44 -10.48
C ASN A 880 8.90 14.26 -9.20
N LEU A 881 10.08 14.61 -8.69
CA LEU A 881 10.17 15.31 -7.41
C LEU A 881 9.69 16.74 -7.52
N LYS A 882 10.09 17.45 -8.58
CA LYS A 882 9.66 18.83 -8.76
C LYS A 882 8.15 18.95 -8.76
N GLU A 883 7.47 18.07 -9.49
CA GLU A 883 6.02 18.15 -9.62
C GLU A 883 5.34 17.78 -8.30
N TYR A 884 5.85 16.76 -7.62
CA TYR A 884 5.38 16.41 -6.29
C TYR A 884 5.48 17.61 -5.32
N LEU A 885 6.65 18.23 -5.25
CA LEU A 885 6.86 19.29 -4.27
C LEU A 885 6.12 20.57 -4.63
N LEU A 886 5.97 20.84 -5.93
CA LEU A 886 5.16 21.97 -6.38
C LEU A 886 3.70 21.82 -5.95
N ARG A 887 3.13 20.63 -6.14
CA ARG A 887 1.77 20.35 -5.65
C ARG A 887 1.71 20.42 -4.13
N LEU A 888 2.70 19.82 -3.44
CA LEU A 888 2.65 19.75 -1.99
C LEU A 888 2.67 21.14 -1.35
N THR A 889 3.42 22.07 -1.94
CA THR A 889 3.55 23.42 -1.41
C THR A 889 2.59 24.40 -2.07
N ASN A 890 1.61 23.91 -2.82
CA ASN A 890 0.53 24.69 -3.44
C ASN A 890 1.02 25.65 -4.51
N LYS A 891 2.25 25.53 -4.98
CA LYS A 891 2.76 26.43 -5.99
C LYS A 891 2.09 26.20 -7.35
C1 GOL B . 3.66 -18.21 13.79
O1 GOL B . 3.22 -18.47 12.49
C2 GOL B . 4.91 -19.14 14.06
O2 GOL B . 5.51 -18.88 15.29
C3 GOL B . 4.42 -20.61 13.91
O3 GOL B . 5.56 -21.44 14.03
C13 X4T C . 2.61 -1.32 -3.16
C15 X4T C . 1.71 0.96 -3.70
C17 X4T C . 3.22 2.73 -4.36
C20 X4T C . 0.65 1.85 -3.78
C22 X4T C . 3.28 -1.44 -9.21
C02 X4T C . 3.81 0.84 -9.73
C03 X4T C . 3.46 1.26 -8.46
C04 X4T C . 3.02 0.31 -7.54
C05 X4T C . 2.94 -1.02 -7.92
C06 X4T C . 2.45 -2.07 -6.94
C07 X4T C . 1.22 -2.81 -7.44
C12 X4T C . 2.91 -1.91 -4.54
C16 X4T C . 3.00 1.41 -3.98
C18 X4T C . 2.16 3.61 -4.43
C19 X4T C . 0.87 3.18 -4.13
C23 X4T C . 3.72 -0.49 -10.11
N08 X4T C . 1.45 -4.16 -7.90
N11 X4T C . 2.13 -1.47 -5.67
N14 X4T C . 1.49 -0.42 -3.31
O09 X4T C . 0.38 -4.91 -8.35
O10 X4T C . 0.11 -2.32 -7.45
O21 X4T C . 3.76 -2.72 -4.73
BR01 X4T C . 4.44 2.13 -11.04
S DMS D . -5.95 -10.38 -23.35
O DMS D . -6.59 -11.56 -22.68
C1 DMS D . -6.60 -8.84 -22.65
C2 DMS D . -6.46 -10.30 -25.09
C1 GOL E . 4.27 8.57 -5.14
O1 GOL E . 5.12 9.23 -6.01
C2 GOL E . 2.97 9.41 -5.01
O2 GOL E . 3.08 10.64 -5.62
C3 GOL E . 2.71 9.51 -3.50
O3 GOL E . 2.63 8.21 -3.02
C1 GOL F . 0.90 -19.35 -22.02
O1 GOL F . 0.05 -20.27 -21.36
C2 GOL F . 0.04 -18.43 -22.98
O2 GOL F . 0.81 -17.43 -23.53
C3 GOL F . -0.57 -19.38 -24.07
O3 GOL F . -1.85 -18.84 -24.40
C1 GOL G . -2.09 -22.30 6.85
O1 GOL G . -0.89 -22.54 7.55
C2 GOL G . -2.31 -20.74 6.73
O2 GOL G . -1.89 -20.04 7.85
C3 GOL G . -3.84 -20.57 6.53
O3 GOL G . -4.05 -19.19 6.47
C1 GOL H . -10.68 -26.67 -4.92
O1 GOL H . -9.64 -27.26 -5.64
C2 GOL H . -10.08 -25.47 -4.14
O2 GOL H . -10.26 -24.28 -4.87
C3 GOL H . -10.85 -25.49 -2.78
O3 GOL H . -10.27 -24.52 -1.92
S DMS I . -2.74 -9.31 10.61
O DMS I . -3.57 -8.15 11.10
C1 DMS I . -2.88 -9.49 8.81
C2 DMS I . -3.51 -10.83 11.19
C1 GOL J . 1.61 -4.89 -2.89
O1 GOL J . 1.36 -5.18 -4.23
C2 GOL J . 0.47 -3.99 -2.30
O2 GOL J . -0.21 -3.26 -3.28
C3 GOL J . -0.46 -4.91 -1.53
O3 GOL J . -1.54 -4.09 -1.14
C1 GOL K . 4.42 1.88 22.74
O1 GOL K . 4.65 2.29 24.05
C2 GOL K . 3.55 0.60 22.84
O2 GOL K . 2.19 0.91 22.85
C3 GOL K . 3.96 -0.33 21.65
O3 GOL K . 5.30 -0.07 21.33
C1 GOL L . 5.96 10.74 8.61
O1 GOL L . 6.18 9.71 7.65
C2 GOL L . 4.50 11.34 8.45
O2 GOL L . 4.43 12.66 8.80
C3 GOL L . 4.06 11.06 6.98
O3 GOL L . 3.11 12.03 6.54
ZN ZN M . -1.43 -3.68 -7.99
#